data_1TO0
#
_entry.id   1TO0
#
_cell.length_a   98.691
_cell.length_b   70.553
_cell.length_c   100.488
_cell.angle_alpha   90.00
_cell.angle_beta   95.16
_cell.angle_gamma   90.00
#
_symmetry.space_group_name_H-M   'P 1 21 1'
#
loop_
_entity.id
_entity.type
_entity.pdbx_description
1 polymer 'Hypothetical UPF0247 protein yyda'
2 water water
#
_entity_poly.entity_id   1
_entity_poly.type   'polypeptide(L)'
_entity_poly.pdbx_seq_one_letter_code
;(MSE)NINIVTIGKLKEKYLKQGIEEYTKRLSAYAKIDIIELPDEKAPENLSDQD(MSE)KIIKDKEGDRILSKISPDAH
VIALAIEGK(MSE)KTSEELADTIDKLATYGKSKVTFVIGGSLGLSDTV(MSE)KRADEKLSFSK(MSE)TFPHQL
(MSE)RLILVEQIYRAFRINRGEPYHKLEHHHHHH
;
_entity_poly.pdbx_strand_id   A,B,C,D,E,F,G,H
#
# COMPACT_ATOMS: atom_id res chain seq x y z
N ASN A 2 42.01 7.56 -13.00
CA ASN A 2 41.62 8.73 -12.22
C ASN A 2 40.16 8.79 -11.87
N ILE A 3 39.90 8.74 -10.57
CA ILE A 3 38.54 8.80 -10.06
C ILE A 3 38.37 10.05 -9.22
N ASN A 4 37.37 10.84 -9.58
CA ASN A 4 37.06 12.06 -8.87
C ASN A 4 35.71 11.90 -8.22
N ILE A 5 35.52 12.57 -7.10
CA ILE A 5 34.27 12.54 -6.42
C ILE A 5 33.89 14.00 -6.25
N VAL A 6 32.83 14.42 -6.94
CA VAL A 6 32.40 15.80 -6.84
C VAL A 6 31.16 15.88 -5.95
N THR A 7 31.33 16.46 -4.78
CA THR A 7 30.24 16.59 -3.83
C THR A 7 29.97 18.00 -3.34
N ILE A 8 28.74 18.19 -2.88
CA ILE A 8 28.28 19.47 -2.38
C ILE A 8 28.31 19.46 -0.86
N GLY A 9 29.09 20.36 -0.28
CA GLY A 9 29.17 20.45 1.17
C GLY A 9 30.54 20.15 1.76
N LYS A 10 31.06 21.10 2.52
CA LYS A 10 32.36 20.93 3.16
C LYS A 10 32.13 20.09 4.40
N LEU A 11 32.68 18.88 4.41
CA LEU A 11 32.54 17.97 5.54
C LEU A 11 33.34 18.46 6.74
N LYS A 12 32.68 18.53 7.89
CA LYS A 12 33.35 18.96 9.12
C LYS A 12 33.70 17.75 9.99
N GLU A 13 32.66 17.02 10.39
CA GLU A 13 32.79 15.83 11.23
C GLU A 13 34.05 15.03 10.95
N LYS A 14 35.05 15.18 11.83
CA LYS A 14 36.30 14.47 11.63
C LYS A 14 36.12 12.95 11.77
N TYR A 15 34.95 12.51 12.22
CA TYR A 15 34.74 11.07 12.35
C TYR A 15 34.56 10.54 10.93
N LEU A 16 33.72 11.23 10.17
CA LEU A 16 33.51 10.85 8.79
C LEU A 16 34.85 11.05 8.10
N LYS A 17 35.44 12.21 8.33
CA LYS A 17 36.72 12.56 7.72
C LYS A 17 37.76 11.46 7.96
N GLN A 18 37.88 11.03 9.21
CA GLN A 18 38.82 9.99 9.58
C GLN A 18 38.56 8.75 8.72
N GLY A 19 37.30 8.34 8.67
CA GLY A 19 36.94 7.17 7.90
C GLY A 19 37.23 7.29 6.43
N ILE A 20 36.87 8.43 5.85
CA ILE A 20 37.11 8.68 4.44
C ILE A 20 38.60 8.67 4.14
N GLU A 21 39.38 9.36 4.96
CA GLU A 21 40.82 9.42 4.75
C GLU A 21 41.36 7.99 4.77
N GLU A 22 41.00 7.23 5.80
CA GLU A 22 41.46 5.87 5.96
C GLU A 22 41.17 4.98 4.75
N TYR A 23 40.01 5.15 4.14
CA TYR A 23 39.66 4.34 2.98
C TYR A 23 40.27 4.88 1.70
N THR A 24 40.25 6.19 1.55
CA THR A 24 40.81 6.83 0.37
C THR A 24 42.32 6.57 0.32
N LYS A 25 42.90 6.14 1.43
CA LYS A 25 44.33 5.85 1.50
C LYS A 25 44.66 4.52 0.84
N ARG A 26 43.89 3.48 1.14
CA ARG A 26 44.13 2.17 0.53
C ARG A 26 43.86 2.20 -0.98
N LEU A 27 43.03 3.15 -1.40
CA LEU A 27 42.67 3.30 -2.80
C LEU A 27 43.79 3.85 -3.69
N SER A 28 44.53 4.83 -3.18
CA SER A 28 45.62 5.43 -3.94
C SER A 28 46.62 4.42 -4.43
N ALA A 29 46.50 3.18 -3.95
CA ALA A 29 47.40 2.12 -4.34
C ALA A 29 46.96 1.48 -5.66
N TYR A 30 45.72 1.73 -6.05
CA TYR A 30 45.19 1.17 -7.29
C TYR A 30 44.87 2.27 -8.28
N ALA A 31 44.77 3.50 -7.75
CA ALA A 31 44.47 4.70 -8.53
C ALA A 31 44.29 5.81 -7.53
N LYS A 32 44.74 7.01 -7.84
CA LYS A 32 44.58 8.12 -6.90
C LYS A 32 43.20 8.75 -7.10
N ILE A 33 42.52 9.03 -6.00
CA ILE A 33 41.21 9.65 -6.12
C ILE A 33 41.22 10.98 -5.38
N ASP A 34 40.53 11.96 -5.95
CA ASP A 34 40.47 13.28 -5.36
C ASP A 34 39.01 13.66 -5.13
N ILE A 35 38.72 14.17 -3.94
CA ILE A 35 37.37 14.57 -3.60
C ILE A 35 37.22 16.09 -3.70
N ILE A 36 36.28 16.53 -4.54
CA ILE A 36 36.05 17.96 -4.71
C ILE A 36 34.82 18.39 -3.92
N GLU A 37 35.04 19.20 -2.89
CA GLU A 37 33.93 19.67 -2.06
C GLU A 37 33.55 21.07 -2.51
N LEU A 38 32.26 21.34 -2.58
CA LEU A 38 31.77 22.66 -2.98
C LEU A 38 31.02 23.29 -1.81
N PRO A 39 31.18 24.61 -1.63
CA PRO A 39 30.44 25.21 -0.51
C PRO A 39 28.94 25.15 -0.74
N ASP A 40 28.19 24.86 0.32
CA ASP A 40 26.73 24.78 0.23
C ASP A 40 26.05 25.75 1.18
N GLU A 41 24.76 25.97 0.97
CA GLU A 41 23.96 26.87 1.80
C GLU A 41 23.18 26.01 2.81
N LYS A 42 23.40 26.26 4.10
CA LYS A 42 22.72 25.50 5.16
C LYS A 42 22.99 24.01 5.02
N LYS A 53 14.59 26.26 -5.40
CA LYS A 53 14.99 25.32 -6.43
C LYS A 53 16.16 25.97 -7.15
N ILE A 54 16.12 27.29 -7.21
CA ILE A 54 17.17 28.07 -7.85
C ILE A 54 18.49 27.75 -7.18
N ILE A 55 18.42 27.34 -5.92
CA ILE A 55 19.61 27.01 -5.16
C ILE A 55 20.16 25.67 -5.63
N LYS A 56 19.27 24.73 -5.95
CA LYS A 56 19.68 23.43 -6.41
C LYS A 56 20.40 23.55 -7.75
N ASP A 57 19.81 24.31 -8.67
CA ASP A 57 20.41 24.51 -9.99
C ASP A 57 21.71 25.26 -9.84
N LYS A 58 21.72 26.22 -8.92
CA LYS A 58 22.91 27.00 -8.64
C LYS A 58 24.03 26.03 -8.30
N GLU A 59 23.68 24.96 -7.59
CA GLU A 59 24.66 23.95 -7.21
C GLU A 59 25.00 23.04 -8.39
N GLY A 60 24.09 22.96 -9.35
CA GLY A 60 24.32 22.13 -10.52
C GLY A 60 25.49 22.62 -11.35
N ASP A 61 25.47 23.90 -11.73
CA ASP A 61 26.56 24.46 -12.54
C ASP A 61 27.86 24.39 -11.75
N ARG A 62 27.73 24.45 -10.44
CA ARG A 62 28.88 24.39 -9.55
C ARG A 62 29.50 23.02 -9.77
N ILE A 63 28.66 21.99 -9.71
CA ILE A 63 29.11 20.62 -9.91
C ILE A 63 29.71 20.46 -11.30
N LEU A 64 28.98 20.94 -12.30
CA LEU A 64 29.38 20.86 -13.71
C LEU A 64 30.70 21.56 -14.07
N SER A 65 31.00 22.67 -13.40
CA SER A 65 32.23 23.39 -13.71
C SER A 65 33.45 22.64 -13.20
N LYS A 66 33.21 21.52 -12.53
CA LYS A 66 34.30 20.70 -11.99
C LYS A 66 34.34 19.36 -12.71
N ILE A 67 33.42 19.18 -13.64
CA ILE A 67 33.33 17.94 -14.38
C ILE A 67 33.81 18.12 -15.81
N SER A 68 34.92 17.46 -16.12
CA SER A 68 35.53 17.48 -17.44
C SER A 68 34.53 16.88 -18.43
N PRO A 69 34.44 17.46 -19.63
CA PRO A 69 33.51 16.93 -20.63
C PRO A 69 33.88 15.53 -21.10
N ASP A 70 35.15 15.17 -20.97
CA ASP A 70 35.57 13.85 -21.41
C ASP A 70 35.62 12.83 -20.27
N ALA A 71 34.81 13.02 -19.24
CA ALA A 71 34.79 12.11 -18.09
C ALA A 71 33.50 11.30 -17.99
N HIS A 72 33.62 10.05 -17.56
CA HIS A 72 32.44 9.22 -17.39
C HIS A 72 31.85 9.61 -16.03
N VAL A 73 30.67 10.22 -16.09
CA VAL A 73 30.00 10.70 -14.90
C VAL A 73 28.99 9.75 -14.30
N ILE A 74 29.23 9.37 -13.05
CA ILE A 74 28.31 8.48 -12.35
C ILE A 74 27.59 9.29 -11.28
N ALA A 75 26.32 9.61 -11.52
CA ALA A 75 25.54 10.38 -10.57
C ALA A 75 24.84 9.45 -9.60
N LEU A 76 25.03 9.71 -8.31
CA LEU A 76 24.39 8.91 -7.28
C LEU A 76 23.00 9.48 -7.05
N ALA A 77 21.99 8.77 -7.52
CA ALA A 77 20.62 9.22 -7.35
C ALA A 77 19.83 8.06 -6.78
N ILE A 78 18.95 8.39 -5.84
CA ILE A 78 18.09 7.41 -5.19
C ILE A 78 17.28 6.63 -6.22
N GLU A 79 16.92 7.33 -7.30
CA GLU A 79 16.14 6.78 -8.39
C GLU A 79 17.03 6.00 -9.34
N GLY A 80 18.34 6.10 -9.15
CA GLY A 80 19.29 5.41 -10.01
C GLY A 80 19.24 3.90 -10.02
N LYS A 81 20.03 3.31 -10.91
CA LYS A 81 20.10 1.86 -11.02
C LYS A 81 20.89 1.25 -9.86
N LYS A 83 23.12 -1.65 -8.28
CA LYS A 83 24.02 -2.74 -8.60
C LYS A 83 24.46 -3.40 -7.31
N THR A 84 25.11 -4.55 -7.44
CA THR A 84 25.65 -5.25 -6.29
C THR A 84 27.13 -4.92 -6.33
N SER A 85 27.84 -5.18 -5.25
CA SER A 85 29.26 -4.88 -5.24
C SER A 85 29.94 -5.58 -6.43
N GLU A 86 29.32 -6.64 -6.95
CA GLU A 86 29.89 -7.36 -8.09
C GLU A 86 29.61 -6.58 -9.37
N GLU A 87 28.37 -6.13 -9.54
CA GLU A 87 27.99 -5.36 -10.72
C GLU A 87 28.68 -4.00 -10.78
N LEU A 88 29.17 -3.54 -9.62
CA LEU A 88 29.86 -2.25 -9.52
C LEU A 88 31.33 -2.44 -9.81
N ALA A 89 31.86 -3.59 -9.38
CA ALA A 89 33.26 -3.89 -9.63
C ALA A 89 33.40 -4.09 -11.15
N ASP A 90 32.38 -4.66 -11.75
CA ASP A 90 32.36 -4.92 -13.18
C ASP A 90 32.31 -3.64 -14.02
N THR A 91 31.35 -2.77 -13.76
CA THR A 91 31.23 -1.53 -14.53
C THR A 91 32.45 -0.62 -14.40
N ILE A 92 33.26 -0.82 -13.36
CA ILE A 92 34.45 0.00 -13.17
C ILE A 92 35.59 -0.50 -14.05
N ASP A 93 35.64 -1.82 -14.22
CA ASP A 93 36.67 -2.43 -15.03
C ASP A 93 36.32 -2.25 -16.51
N LYS A 94 35.04 -2.44 -16.84
CA LYS A 94 34.60 -2.29 -18.23
C LYS A 94 34.70 -0.86 -18.77
N LEU A 95 35.04 0.10 -17.91
CA LEU A 95 35.17 1.49 -18.35
C LEU A 95 36.56 1.74 -18.91
N ALA A 96 37.56 1.10 -18.29
CA ALA A 96 38.93 1.24 -18.74
C ALA A 96 39.04 0.85 -20.22
N THR A 97 38.16 -0.05 -20.65
CA THR A 97 38.18 -0.51 -22.04
C THR A 97 37.38 0.33 -23.02
N TYR A 98 36.43 1.12 -22.52
CA TYR A 98 35.63 1.96 -23.41
C TYR A 98 36.38 3.24 -23.75
N GLY A 99 37.65 3.31 -23.36
CA GLY A 99 38.45 4.50 -23.63
C GLY A 99 38.05 5.63 -22.70
N LYS A 100 37.69 5.26 -21.48
CA LYS A 100 37.28 6.20 -20.45
C LYS A 100 38.22 6.08 -19.26
N SER A 101 39.24 6.94 -19.22
CA SER A 101 40.21 6.91 -18.14
C SER A 101 39.85 7.87 -17.00
N LYS A 102 38.93 8.80 -17.28
CA LYS A 102 38.50 9.78 -16.28
C LYS A 102 37.07 9.46 -15.78
N VAL A 103 36.96 9.02 -14.54
CA VAL A 103 35.65 8.67 -13.95
C VAL A 103 35.35 9.57 -12.76
N THR A 104 34.15 10.14 -12.76
CA THR A 104 33.75 11.04 -11.66
C THR A 104 32.41 10.66 -11.04
N PHE A 105 32.40 10.54 -9.72
CA PHE A 105 31.17 10.24 -8.99
C PHE A 105 30.62 11.58 -8.49
N VAL A 106 29.30 11.74 -8.55
CA VAL A 106 28.66 12.98 -8.11
C VAL A 106 27.67 12.79 -6.97
N ILE A 107 27.92 13.46 -5.86
CA ILE A 107 27.00 13.38 -4.71
C ILE A 107 26.41 14.76 -4.44
N GLY A 108 25.13 14.91 -4.70
CA GLY A 108 24.47 16.18 -4.50
C GLY A 108 24.26 16.58 -3.05
N GLY A 109 23.84 17.82 -2.85
CA GLY A 109 23.59 18.31 -1.51
C GLY A 109 22.30 17.73 -0.98
N SER A 110 21.81 18.28 0.13
CA SER A 110 20.58 17.81 0.76
C SER A 110 19.38 17.99 -0.16
N LEU A 111 19.44 18.97 -1.04
CA LEU A 111 18.37 19.21 -1.99
C LEU A 111 18.29 18.15 -3.08
N GLY A 112 19.45 17.79 -3.63
CA GLY A 112 19.48 16.79 -4.68
C GLY A 112 20.29 17.31 -5.84
N LEU A 113 20.23 16.61 -6.97
CA LEU A 113 20.99 16.97 -8.16
C LEU A 113 20.14 17.73 -9.18
N SER A 114 20.71 18.80 -9.71
CA SER A 114 20.04 19.64 -10.71
C SER A 114 19.65 18.81 -11.91
N ASP A 115 18.88 19.41 -12.81
CA ASP A 115 18.43 18.72 -14.01
C ASP A 115 19.59 18.54 -14.96
N THR A 116 20.45 19.56 -15.03
CA THR A 116 21.60 19.54 -15.92
C THR A 116 22.62 18.48 -15.49
N VAL A 117 22.73 18.26 -14.19
CA VAL A 117 23.65 17.27 -13.67
C VAL A 117 23.19 15.88 -14.08
N LYS A 119 21.18 15.03 -16.62
CA LYS A 119 21.32 14.82 -18.05
C LYS A 119 22.79 14.73 -18.46
N ARG A 120 23.67 15.30 -17.65
CA ARG A 120 25.10 15.21 -17.95
C ARG A 120 25.62 13.85 -17.52
N ALA A 121 24.89 13.23 -16.61
CA ALA A 121 25.25 11.91 -16.07
C ALA A 121 25.21 10.84 -17.14
N ASP A 122 26.29 10.06 -17.20
CA ASP A 122 26.38 8.97 -18.16
C ASP A 122 25.70 7.74 -17.60
N GLU A 123 25.40 7.80 -16.30
CA GLU A 123 24.79 6.69 -15.59
C GLU A 123 24.33 7.19 -14.22
N LYS A 124 23.28 6.60 -13.68
CA LYS A 124 22.77 6.99 -12.38
C LYS A 124 22.88 5.79 -11.44
N LEU A 125 23.62 5.95 -10.35
CA LEU A 125 23.82 4.87 -9.37
C LEU A 125 22.98 5.06 -8.11
N SER A 126 22.46 3.96 -7.60
CA SER A 126 21.65 3.98 -6.40
C SER A 126 22.26 3.00 -5.40
N PHE A 127 22.30 3.40 -4.13
CA PHE A 127 22.85 2.57 -3.07
C PHE A 127 21.77 2.00 -2.17
N SER A 128 20.53 2.44 -2.37
CA SER A 128 19.41 1.98 -1.54
C SER A 128 18.14 2.76 -1.89
N LYS A 129 16.98 2.29 -1.42
CA LYS A 129 15.74 3.01 -1.66
C LYS A 129 15.60 4.03 -0.54
N THR A 131 16.99 7.05 2.02
CA THR A 131 17.81 8.24 1.89
C THR A 131 18.92 8.27 2.92
N PHE A 132 20.11 8.60 2.45
CA PHE A 132 21.26 8.70 3.33
C PHE A 132 21.69 10.17 3.33
N PRO A 133 22.36 10.62 4.40
CA PRO A 133 22.80 12.02 4.39
C PRO A 133 23.97 12.01 3.40
N HIS A 134 24.22 13.14 2.74
CA HIS A 134 25.30 13.22 1.75
C HIS A 134 26.67 12.95 2.35
N GLN A 135 26.89 13.50 3.53
CA GLN A 135 28.14 13.32 4.25
C GLN A 135 28.43 11.82 4.44
N LEU A 136 27.40 11.08 4.85
CA LEU A 136 27.51 9.65 5.08
C LEU A 136 27.60 8.86 3.77
N ARG A 138 29.23 9.79 1.24
CA ARG A 138 30.60 9.90 0.78
C ARG A 138 31.46 8.76 1.32
N LEU A 139 31.29 8.42 2.59
CA LEU A 139 32.05 7.34 3.21
C LEU A 139 31.61 6.01 2.64
N ILE A 140 30.36 5.95 2.22
CA ILE A 140 29.88 4.70 1.67
C ILE A 140 30.37 4.52 0.24
N LEU A 141 30.41 5.61 -0.53
CA LEU A 141 30.89 5.54 -1.90
C LEU A 141 32.35 5.11 -1.94
N VAL A 142 33.16 5.72 -1.09
CA VAL A 142 34.57 5.40 -1.05
C VAL A 142 34.86 3.96 -0.62
N GLU A 143 34.10 3.50 0.38
CA GLU A 143 34.27 2.15 0.87
C GLU A 143 33.90 1.18 -0.25
N GLN A 144 32.82 1.48 -0.98
CA GLN A 144 32.42 0.62 -2.08
C GLN A 144 33.42 0.58 -3.20
N ILE A 145 34.04 1.72 -3.48
CA ILE A 145 35.02 1.76 -4.56
C ILE A 145 36.19 0.86 -4.21
N TYR A 146 36.64 0.93 -2.96
CA TYR A 146 37.74 0.10 -2.50
C TYR A 146 37.36 -1.34 -2.72
N ARG A 147 36.19 -1.72 -2.23
CA ARG A 147 35.70 -3.08 -2.38
C ARG A 147 35.74 -3.50 -3.85
N ALA A 148 35.32 -2.61 -4.74
CA ALA A 148 35.29 -2.92 -6.16
C ALA A 148 36.70 -3.26 -6.66
N PHE A 149 37.64 -2.37 -6.40
CA PHE A 149 39.01 -2.60 -6.81
C PHE A 149 39.53 -3.92 -6.25
N ARG A 150 39.35 -4.09 -4.94
CA ARG A 150 39.78 -5.30 -4.25
C ARG A 150 39.19 -6.51 -4.96
N ILE A 151 37.94 -6.39 -5.37
CA ILE A 151 37.25 -7.48 -6.06
C ILE A 151 37.81 -7.66 -7.47
N ASN A 152 38.13 -6.55 -8.11
CA ASN A 152 38.66 -6.58 -9.48
C ASN A 152 39.97 -7.32 -9.63
N ARG A 153 40.86 -7.18 -8.65
CA ARG A 153 42.16 -7.83 -8.71
C ARG A 153 42.13 -9.24 -8.11
N GLY A 154 40.93 -9.77 -7.89
CA GLY A 154 40.80 -11.10 -7.33
C GLY A 154 41.13 -11.16 -5.84
N GLU A 155 41.85 -10.16 -5.36
CA GLU A 155 42.24 -10.11 -3.95
C GLU A 155 40.98 -10.11 -3.09
N PRO A 156 40.88 -11.06 -2.15
CA PRO A 156 39.73 -11.20 -1.24
C PRO A 156 39.59 -10.12 -0.17
N TYR A 157 38.39 -9.56 -0.06
CA TYR A 157 38.10 -8.53 0.95
C TYR A 157 37.00 -9.04 1.86
N ASN B 2 10.93 2.33 22.62
CA ASN B 2 12.30 1.96 22.93
C ASN B 2 12.82 1.01 21.87
N ILE B 3 13.90 1.44 21.23
CA ILE B 3 14.51 0.68 20.18
C ILE B 3 15.71 -0.09 20.66
N ASN B 4 15.84 -1.31 20.16
CA ASN B 4 16.99 -2.14 20.49
C ASN B 4 17.65 -2.64 19.21
N ILE B 5 18.97 -2.55 19.16
CA ILE B 5 19.69 -3.07 18.02
C ILE B 5 20.55 -4.18 18.57
N VAL B 6 20.37 -5.38 18.05
CA VAL B 6 21.18 -6.50 18.49
C VAL B 6 22.14 -6.80 17.34
N THR B 7 23.43 -6.54 17.57
CA THR B 7 24.46 -6.78 16.57
C THR B 7 25.48 -7.87 16.95
N ILE B 8 26.34 -8.21 16.01
CA ILE B 8 27.36 -9.24 16.21
C ILE B 8 28.75 -8.64 16.12
N GLY B 9 29.48 -8.66 17.23
CA GLY B 9 30.83 -8.13 17.23
C GLY B 9 30.90 -6.74 17.84
N LYS B 10 32.05 -6.38 18.38
CA LYS B 10 32.22 -5.06 19.00
C LYS B 10 32.86 -4.10 18.01
N LEU B 11 32.38 -2.86 18.01
CA LEU B 11 32.88 -1.82 17.10
C LEU B 11 34.36 -1.57 17.33
N LYS B 12 35.15 -1.69 16.28
CA LYS B 12 36.58 -1.48 16.39
C LYS B 12 37.01 -0.05 16.09
N GLU B 13 36.87 0.37 14.82
CA GLU B 13 37.25 1.72 14.42
C GLU B 13 36.53 2.82 15.19
N LYS B 14 37.31 3.78 15.68
CA LYS B 14 36.79 4.88 16.47
C LYS B 14 35.88 5.85 15.75
N TYR B 15 36.10 6.07 14.46
CA TYR B 15 35.25 7.02 13.76
C TYR B 15 33.81 6.53 13.74
N LEU B 16 33.62 5.22 13.68
CA LEU B 16 32.27 4.67 13.69
C LEU B 16 31.69 4.74 15.09
N LYS B 17 32.51 4.45 16.11
CA LYS B 17 32.02 4.52 17.49
C LYS B 17 31.54 5.93 17.80
N GLN B 18 32.29 6.92 17.32
CA GLN B 18 31.98 8.32 17.55
C GLN B 18 30.69 8.69 16.80
N GLY B 19 30.62 8.29 15.52
CA GLY B 19 29.45 8.57 14.71
C GLY B 19 28.18 7.99 15.30
N ILE B 20 28.25 6.74 15.73
CA ILE B 20 27.11 6.09 16.33
C ILE B 20 26.75 6.82 17.62
N GLU B 21 27.77 7.18 18.38
CA GLU B 21 27.56 7.90 19.64
C GLU B 21 26.68 9.11 19.38
N GLU B 22 27.03 9.86 18.34
CA GLU B 22 26.30 11.06 17.96
C GLU B 22 24.83 10.82 17.67
N TYR B 23 24.55 9.99 16.67
CA TYR B 23 23.18 9.69 16.30
C TYR B 23 22.36 9.11 17.44
N THR B 24 23.00 8.24 18.24
CA THR B 24 22.35 7.62 19.39
C THR B 24 21.83 8.74 20.31
N LYS B 25 22.68 9.76 20.48
CA LYS B 25 22.37 10.91 21.31
C LYS B 25 21.15 11.61 20.72
N ARG B 26 21.16 11.81 19.41
CA ARG B 26 20.06 12.48 18.72
C ARG B 26 18.78 11.67 18.78
N LEU B 27 18.86 10.40 18.43
CA LEU B 27 17.70 9.53 18.48
C LEU B 27 17.15 9.45 19.91
N SER B 28 18.03 9.64 20.89
CA SER B 28 17.64 9.58 22.29
C SER B 28 16.52 10.51 22.67
N ALA B 29 16.38 11.59 21.92
CA ALA B 29 15.35 12.59 22.19
C ALA B 29 13.96 12.12 21.80
N TYR B 30 13.90 11.24 20.82
CA TYR B 30 12.62 10.75 20.34
C TYR B 30 12.19 9.47 21.01
N ALA B 31 13.15 8.65 21.42
CA ALA B 31 12.84 7.40 22.07
C ALA B 31 14.09 6.87 22.75
N LYS B 32 13.96 5.71 23.36
CA LYS B 32 15.07 5.07 24.04
C LYS B 32 15.82 4.16 23.06
N ILE B 33 17.14 4.24 23.01
CA ILE B 33 17.93 3.38 22.12
C ILE B 33 19.02 2.64 22.87
N ASP B 34 19.08 1.34 22.65
CA ASP B 34 20.09 0.52 23.31
C ASP B 34 20.70 -0.39 22.26
N ILE B 35 22.02 -0.44 22.23
CA ILE B 35 22.72 -1.28 21.27
C ILE B 35 23.37 -2.47 21.96
N ILE B 36 22.75 -3.63 21.84
CA ILE B 36 23.26 -4.87 22.46
C ILE B 36 24.39 -5.45 21.63
N GLU B 37 25.61 -5.31 22.13
CA GLU B 37 26.81 -5.79 21.43
C GLU B 37 27.30 -7.09 22.05
N LEU B 38 26.93 -8.22 21.44
CA LEU B 38 27.35 -9.52 21.95
C LEU B 38 28.51 -10.13 21.17
N PRO B 39 29.37 -10.93 21.84
CA PRO B 39 30.54 -11.60 21.27
C PRO B 39 30.26 -12.57 20.14
N ASP B 40 31.17 -12.63 19.17
CA ASP B 40 31.00 -13.51 18.02
C ASP B 40 31.81 -14.81 18.08
N GLU B 41 31.32 -15.82 17.36
CA GLU B 41 31.98 -17.12 17.31
C GLU B 41 32.19 -17.68 18.71
N ASP B 51 28.06 -27.16 6.48
CA ASP B 51 29.17 -27.70 7.25
C ASP B 51 29.27 -27.03 8.62
N LYS B 53 27.42 -24.41 10.25
CA LYS B 53 26.24 -23.58 10.41
C LYS B 53 25.81 -23.84 11.86
N ILE B 54 26.61 -24.69 12.52
CA ILE B 54 26.36 -25.02 13.91
C ILE B 54 26.73 -23.81 14.74
N ILE B 55 27.58 -22.96 14.16
CA ILE B 55 28.02 -21.74 14.82
C ILE B 55 26.96 -20.68 14.52
N LYS B 56 26.43 -20.74 13.31
CA LYS B 56 25.40 -19.81 12.89
C LYS B 56 24.18 -20.04 13.80
N ASP B 57 23.84 -21.31 13.97
CA ASP B 57 22.69 -21.68 14.79
C ASP B 57 22.89 -21.31 16.25
N LYS B 58 24.11 -21.49 16.76
CA LYS B 58 24.40 -21.16 18.15
C LYS B 58 24.26 -19.66 18.35
N GLU B 59 24.81 -18.91 17.41
CA GLU B 59 24.75 -17.45 17.44
C GLU B 59 23.27 -17.09 17.33
N GLY B 60 22.54 -17.89 16.57
CA GLY B 60 21.11 -17.68 16.36
C GLY B 60 20.29 -17.78 17.63
N ASP B 61 20.73 -18.61 18.58
CA ASP B 61 20.03 -18.75 19.85
C ASP B 61 20.54 -17.69 20.82
N ARG B 62 21.79 -17.27 20.61
CA ARG B 62 22.41 -16.25 21.43
C ARG B 62 21.73 -14.92 21.18
N ILE B 63 21.21 -14.73 19.97
CA ILE B 63 20.52 -13.50 19.62
C ILE B 63 19.12 -13.55 20.21
N LEU B 64 18.42 -14.66 19.98
CA LEU B 64 17.07 -14.84 20.50
C LEU B 64 17.01 -14.66 22.01
N SER B 65 18.13 -14.94 22.68
CA SER B 65 18.19 -14.79 24.13
C SER B 65 17.97 -13.33 24.51
N LYS B 66 18.34 -12.42 23.62
CA LYS B 66 18.20 -11.00 23.85
C LYS B 66 16.88 -10.40 23.37
N ILE B 67 16.14 -11.15 22.55
CA ILE B 67 14.89 -10.65 22.02
C ILE B 67 13.67 -10.77 22.92
N SER B 68 13.01 -9.64 23.14
CA SER B 68 11.81 -9.61 23.95
C SER B 68 10.62 -10.20 23.20
N PRO B 69 9.81 -11.02 23.90
CA PRO B 69 8.63 -11.63 23.26
C PRO B 69 7.67 -10.53 22.74
N ASP B 70 7.78 -9.33 23.29
CA ASP B 70 6.93 -8.21 22.91
C ASP B 70 7.48 -7.36 21.77
N ALA B 71 8.77 -7.46 21.52
CA ALA B 71 9.39 -6.68 20.46
C ALA B 71 9.01 -7.10 19.04
N HIS B 72 8.78 -6.12 18.18
CA HIS B 72 8.49 -6.39 16.79
C HIS B 72 9.91 -6.49 16.22
N VAL B 73 10.28 -7.66 15.72
CA VAL B 73 11.63 -7.86 15.23
C VAL B 73 11.83 -7.60 13.76
N ILE B 74 12.87 -6.82 13.46
CA ILE B 74 13.23 -6.49 12.10
C ILE B 74 14.67 -6.94 11.88
N ALA B 75 14.82 -8.02 11.13
CA ALA B 75 16.16 -8.52 10.87
C ALA B 75 16.71 -7.94 9.58
N LEU B 76 17.97 -7.51 9.60
CA LEU B 76 18.55 -6.97 8.39
C LEU B 76 19.04 -8.15 7.55
N ALA B 77 18.60 -8.17 6.29
CA ALA B 77 18.98 -9.24 5.38
C ALA B 77 18.79 -8.79 3.94
N ILE B 78 19.67 -9.23 3.05
CA ILE B 78 19.57 -8.84 1.65
C ILE B 78 18.34 -9.42 0.93
N GLU B 79 17.88 -10.58 1.38
CA GLU B 79 16.71 -11.20 0.76
C GLU B 79 15.48 -10.49 1.29
N GLY B 80 15.69 -9.31 1.87
CA GLY B 80 14.60 -8.55 2.46
C GLY B 80 13.95 -7.49 1.59
N LYS B 81 12.87 -6.92 2.11
CA LYS B 81 12.15 -5.88 1.41
C LYS B 81 12.91 -4.57 1.53
N LYS B 83 12.66 -1.11 1.79
CA LYS B 83 11.72 -0.06 2.07
C LYS B 83 12.37 1.31 1.82
N THR B 84 11.54 2.33 1.66
CA THR B 84 12.05 3.68 1.47
C THR B 84 12.18 4.28 2.86
N SER B 85 12.77 5.46 2.99
CA SER B 85 12.90 6.06 4.31
C SER B 85 11.49 6.39 4.80
N GLU B 86 10.62 6.78 3.87
CA GLU B 86 9.23 7.09 4.19
C GLU B 86 8.50 5.83 4.66
N GLU B 87 8.84 4.69 4.07
CA GLU B 87 8.21 3.42 4.44
C GLU B 87 8.69 2.93 5.81
N LEU B 88 9.96 3.18 6.15
CA LEU B 88 10.48 2.76 7.44
C LEU B 88 9.80 3.62 8.50
N ALA B 89 9.58 4.87 8.15
CA ALA B 89 8.93 5.82 9.05
C ALA B 89 7.47 5.40 9.23
N ASP B 90 6.87 4.96 8.13
CA ASP B 90 5.49 4.53 8.13
C ASP B 90 5.34 3.35 9.07
N THR B 91 6.19 2.36 8.88
CA THR B 91 6.18 1.15 9.69
C THR B 91 6.21 1.47 11.19
N ILE B 92 7.15 2.32 11.59
CA ILE B 92 7.28 2.69 12.99
C ILE B 92 6.04 3.41 13.52
N ASP B 93 5.47 4.29 12.71
CA ASP B 93 4.30 5.03 13.12
C ASP B 93 3.16 4.07 13.32
N LYS B 94 2.99 3.16 12.37
CA LYS B 94 1.93 2.17 12.45
C LYS B 94 2.10 1.30 13.70
N LEU B 95 3.34 0.95 14.04
CA LEU B 95 3.57 0.14 15.23
C LEU B 95 3.16 0.94 16.47
N ALA B 96 3.42 2.24 16.47
CA ALA B 96 3.04 3.06 17.62
C ALA B 96 1.52 3.16 17.72
N THR B 97 0.87 3.23 16.57
CA THR B 97 -0.58 3.34 16.53
C THR B 97 -1.25 2.17 17.27
N TYR B 98 -0.64 0.99 17.20
CA TYR B 98 -1.17 -0.16 17.91
C TYR B 98 -0.32 -0.25 19.17
N GLY B 99 -0.42 -1.31 19.94
CA GLY B 99 0.39 -1.32 21.15
C GLY B 99 1.87 -1.58 21.04
N LYS B 100 2.37 -1.72 19.81
CA LYS B 100 3.77 -2.05 19.62
C LYS B 100 4.81 -1.00 19.94
N SER B 101 5.13 -0.88 21.21
CA SER B 101 6.11 0.09 21.68
C SER B 101 7.56 -0.38 21.62
N LYS B 102 7.79 -1.69 21.48
CA LYS B 102 9.14 -2.22 21.39
C LYS B 102 9.51 -2.60 19.96
N VAL B 103 10.62 -2.05 19.45
CA VAL B 103 11.07 -2.39 18.12
C VAL B 103 12.52 -2.83 18.21
N THR B 104 12.81 -4.04 17.72
CA THR B 104 14.19 -4.52 17.79
C THR B 104 14.74 -4.86 16.41
N PHE B 105 15.93 -4.33 16.13
CA PHE B 105 16.60 -4.57 14.86
C PHE B 105 17.73 -5.56 15.11
N VAL B 106 17.88 -6.54 14.21
CA VAL B 106 18.91 -7.57 14.32
C VAL B 106 19.94 -7.48 13.17
N ILE B 107 21.21 -7.28 13.50
CA ILE B 107 22.26 -7.22 12.50
C ILE B 107 23.17 -8.43 12.70
N GLY B 108 23.07 -9.39 11.80
CA GLY B 108 23.91 -10.58 11.92
C GLY B 108 25.38 -10.26 11.74
N GLY B 109 26.19 -11.31 11.82
CA GLY B 109 27.62 -11.14 11.65
C GLY B 109 28.03 -11.84 10.36
N SER B 110 29.34 -11.91 10.12
CA SER B 110 29.87 -12.56 8.92
C SER B 110 29.06 -13.79 8.50
N LEU B 111 28.96 -14.76 9.40
CA LEU B 111 28.20 -15.98 9.14
C LEU B 111 26.81 -15.70 8.57
N GLY B 112 26.05 -14.87 9.27
CA GLY B 112 24.71 -14.52 8.84
C GLY B 112 23.69 -14.74 9.97
N LEU B 113 22.44 -14.99 9.62
CA LEU B 113 21.43 -15.23 10.63
C LEU B 113 20.79 -16.60 10.54
N SER B 114 20.80 -17.31 11.66
CA SER B 114 20.19 -18.63 11.75
C SER B 114 18.74 -18.64 11.27
N ASP B 115 18.28 -19.78 10.80
CA ASP B 115 16.90 -19.91 10.32
C ASP B 115 15.95 -19.60 11.47
N THR B 116 16.39 -19.85 12.69
CA THR B 116 15.57 -19.59 13.86
C THR B 116 15.33 -18.10 14.08
N VAL B 117 16.38 -17.29 13.97
CA VAL B 117 16.23 -15.85 14.14
C VAL B 117 15.28 -15.33 13.08
N LYS B 119 12.96 -16.87 11.59
CA LYS B 119 11.58 -17.30 11.81
C LYS B 119 10.91 -16.42 12.84
N ARG B 120 11.68 -15.98 13.82
CA ARG B 120 11.16 -15.12 14.86
C ARG B 120 10.87 -13.71 14.29
N ALA B 121 11.75 -13.23 13.41
CA ALA B 121 11.60 -11.92 12.83
C ALA B 121 10.23 -11.69 12.25
N ASP B 122 9.67 -10.54 12.56
CA ASP B 122 8.36 -10.16 12.08
C ASP B 122 8.50 -9.65 10.65
N GLU B 123 9.69 -9.19 10.30
CA GLU B 123 9.95 -8.73 8.94
C GLU B 123 11.44 -8.60 8.58
N LYS B 124 11.75 -8.72 7.28
CA LYS B 124 13.12 -8.61 6.82
C LYS B 124 13.31 -7.36 5.98
N LEU B 125 14.24 -6.54 6.42
CA LEU B 125 14.52 -5.28 5.76
C LEU B 125 15.89 -5.31 5.11
N SER B 126 15.95 -4.78 3.89
CA SER B 126 17.20 -4.73 3.15
C SER B 126 17.56 -3.29 2.92
N PHE B 127 18.79 -2.93 3.26
CA PHE B 127 19.27 -1.57 3.10
C PHE B 127 19.91 -1.32 1.74
N SER B 128 20.33 -2.39 1.07
CA SER B 128 20.98 -2.23 -0.23
C SER B 128 21.25 -3.56 -0.92
N LYS B 129 21.48 -3.50 -2.24
CA LYS B 129 21.80 -4.70 -3.00
C LYS B 129 23.30 -4.89 -2.89
N THR B 131 27.08 -4.77 -0.66
CA THR B 131 27.58 -5.32 0.59
C THR B 131 28.29 -4.22 1.37
N PHE B 132 27.95 -4.10 2.64
CA PHE B 132 28.56 -3.11 3.52
C PHE B 132 29.13 -3.84 4.72
N PRO B 133 30.21 -3.32 5.30
CA PRO B 133 30.75 -4.02 6.47
C PRO B 133 29.71 -3.83 7.58
N HIS B 134 29.47 -4.85 8.39
CA HIS B 134 28.46 -4.72 9.43
C HIS B 134 28.77 -3.63 10.44
N GLN B 135 30.03 -3.21 10.54
CA GLN B 135 30.36 -2.15 11.47
C GLN B 135 29.68 -0.87 10.97
N LEU B 136 29.75 -0.66 9.66
CA LEU B 136 29.17 0.51 9.01
C LEU B 136 27.66 0.43 8.94
N ARG B 138 25.73 -0.60 11.05
CA ARG B 138 25.23 -0.20 12.34
C ARG B 138 25.04 1.31 12.36
N LEU B 139 26.03 2.04 11.85
CA LEU B 139 26.01 3.49 11.79
C LEU B 139 24.91 3.98 10.87
N ILE B 140 24.73 3.29 9.74
CA ILE B 140 23.69 3.65 8.80
C ILE B 140 22.33 3.42 9.46
N LEU B 141 22.15 2.25 10.06
CA LEU B 141 20.90 1.88 10.71
C LEU B 141 20.42 2.90 11.76
N VAL B 142 21.33 3.33 12.63
CA VAL B 142 20.97 4.29 13.66
C VAL B 142 20.50 5.60 13.05
N GLU B 143 21.27 6.10 12.08
CA GLU B 143 20.96 7.34 11.40
C GLU B 143 19.59 7.22 10.76
N GLN B 144 19.36 6.09 10.10
CA GLN B 144 18.10 5.86 9.45
C GLN B 144 16.93 5.89 10.43
N ILE B 145 17.09 5.27 11.61
CA ILE B 145 16.02 5.27 12.60
C ILE B 145 15.80 6.70 13.11
N TYR B 146 16.88 7.47 13.22
CA TYR B 146 16.77 8.84 13.67
C TYR B 146 15.97 9.60 12.60
N ARG B 147 16.21 9.24 11.34
CA ARG B 147 15.52 9.88 10.22
C ARG B 147 14.03 9.51 10.20
N ALA B 148 13.73 8.27 10.53
CA ALA B 148 12.35 7.81 10.56
C ALA B 148 11.55 8.63 11.57
N PHE B 149 12.11 8.83 12.75
CA PHE B 149 11.42 9.60 13.77
C PHE B 149 11.27 11.05 13.38
N ARG B 150 12.30 11.64 12.77
CA ARG B 150 12.17 13.04 12.36
C ARG B 150 11.01 13.12 11.37
N ILE B 151 10.94 12.20 10.42
CA ILE B 151 9.84 12.21 9.48
C ILE B 151 8.52 12.14 10.21
N ASN B 152 8.42 11.19 11.14
CA ASN B 152 7.18 11.01 11.89
C ASN B 152 6.76 12.19 12.75
N ARG B 153 7.73 12.88 13.35
CA ARG B 153 7.40 14.03 14.18
C ARG B 153 7.09 15.22 13.26
N GLY B 154 7.14 14.97 11.97
CA GLY B 154 6.84 16.00 11.00
C GLY B 154 7.89 17.08 10.88
N GLU B 155 9.16 16.71 11.10
CA GLU B 155 10.27 17.65 11.01
C GLU B 155 10.95 17.55 9.65
N PRO B 156 11.31 18.70 9.06
CA PRO B 156 11.98 18.74 7.75
C PRO B 156 13.46 18.35 7.89
N TYR B 157 13.86 17.29 7.18
CA TYR B 157 15.22 16.78 7.25
C TYR B 157 15.42 15.64 6.24
N ASN C 2 11.21 2.24 -21.18
CA ASN C 2 11.44 1.77 -19.84
C ASN C 2 10.86 0.35 -19.72
N ILE C 3 11.69 -0.63 -20.09
CA ILE C 3 11.31 -2.02 -20.04
C ILE C 3 12.14 -2.69 -18.97
N ASN C 4 11.50 -3.33 -18.01
CA ASN C 4 12.20 -4.03 -16.95
C ASN C 4 11.99 -5.53 -17.06
N ILE C 5 13.05 -6.28 -16.79
CA ILE C 5 12.95 -7.73 -16.81
C ILE C 5 13.39 -8.21 -15.44
N VAL C 6 12.44 -8.71 -14.67
CA VAL C 6 12.71 -9.20 -13.33
C VAL C 6 12.77 -10.72 -13.35
N THR C 7 13.98 -11.23 -13.21
CA THR C 7 14.23 -12.65 -13.24
C THR C 7 14.72 -13.14 -11.89
N ILE C 8 14.68 -14.45 -11.71
CA ILE C 8 15.11 -15.11 -10.49
C ILE C 8 16.36 -15.92 -10.82
N GLY C 9 17.44 -15.72 -10.08
CA GLY C 9 18.64 -16.48 -10.34
C GLY C 9 19.76 -15.67 -10.92
N LYS C 10 20.95 -15.76 -10.31
CA LYS C 10 22.11 -15.02 -10.79
C LYS C 10 22.74 -15.82 -11.92
N LEU C 11 22.94 -15.17 -13.05
CA LEU C 11 23.51 -15.82 -14.22
C LEU C 11 24.86 -16.45 -13.92
N LYS C 12 25.04 -17.68 -14.42
CA LYS C 12 26.29 -18.40 -14.23
C LYS C 12 27.01 -18.64 -15.56
N GLU C 13 26.43 -19.51 -16.40
CA GLU C 13 27.01 -19.84 -17.70
C GLU C 13 27.29 -18.62 -18.57
N LYS C 14 28.57 -18.26 -18.61
CA LYS C 14 29.06 -17.11 -19.35
C LYS C 14 28.49 -16.92 -20.75
N TYR C 15 28.27 -18.00 -21.49
CA TYR C 15 27.74 -17.82 -22.84
C TYR C 15 26.44 -17.02 -22.88
N LEU C 16 25.64 -17.14 -21.84
CA LEU C 16 24.38 -16.41 -21.78
C LEU C 16 24.62 -14.93 -21.48
N LYS C 17 25.60 -14.66 -20.63
CA LYS C 17 25.93 -13.30 -20.25
C LYS C 17 26.27 -12.41 -21.44
N GLN C 18 27.17 -12.88 -22.30
CA GLN C 18 27.57 -12.11 -23.46
C GLN C 18 26.42 -11.91 -24.45
N GLY C 19 25.60 -12.94 -24.60
CA GLY C 19 24.49 -12.85 -25.54
C GLY C 19 23.47 -11.81 -25.11
N ILE C 20 23.08 -11.86 -23.85
CA ILE C 20 22.12 -10.92 -23.30
C ILE C 20 22.70 -9.51 -23.35
N GLU C 21 23.91 -9.35 -22.82
CA GLU C 21 24.61 -8.08 -22.81
C GLU C 21 24.64 -7.49 -24.22
N GLU C 22 24.95 -8.32 -25.21
CA GLU C 22 25.01 -7.88 -26.61
C GLU C 22 23.63 -7.41 -27.11
N TYR C 23 22.57 -8.09 -26.69
CA TYR C 23 21.21 -7.73 -27.09
C TYR C 23 20.69 -6.53 -26.34
N THR C 24 20.97 -6.49 -25.05
CA THR C 24 20.54 -5.39 -24.20
C THR C 24 21.04 -4.08 -24.77
N LYS C 25 22.30 -4.07 -25.18
CA LYS C 25 22.92 -2.86 -25.72
C LYS C 25 22.29 -2.45 -27.04
N ARG C 26 22.05 -3.42 -27.91
CA ARG C 26 21.45 -3.18 -29.21
C ARG C 26 20.02 -2.66 -28.98
N LEU C 27 19.38 -3.16 -27.93
CA LEU C 27 18.03 -2.76 -27.58
C LEU C 27 17.98 -1.35 -27.00
N SER C 28 19.07 -0.93 -26.35
CA SER C 28 19.12 0.38 -25.74
C SER C 28 18.81 1.57 -26.66
N ALA C 29 19.08 1.43 -27.96
CA ALA C 29 18.80 2.52 -28.89
C ALA C 29 17.32 2.66 -29.20
N TYR C 30 16.55 1.68 -28.78
CA TYR C 30 15.13 1.68 -29.03
C TYR C 30 14.33 1.92 -27.77
N ALA C 31 14.87 1.50 -26.64
CA ALA C 31 14.19 1.66 -25.37
C ALA C 31 15.13 1.48 -24.19
N LYS C 32 14.76 2.04 -23.05
CA LYS C 32 15.54 1.91 -21.85
C LYS C 32 15.28 0.49 -21.33
N ILE C 33 16.34 -0.31 -21.15
CA ILE C 33 16.16 -1.67 -20.65
C ILE C 33 17.07 -1.92 -19.47
N ASP C 34 16.56 -2.67 -18.51
CA ASP C 34 17.31 -3.04 -17.34
C ASP C 34 16.82 -4.40 -16.87
N ILE C 35 17.76 -5.27 -16.55
CA ILE C 35 17.42 -6.58 -16.06
C ILE C 35 17.65 -6.59 -14.57
N ILE C 36 16.61 -6.96 -13.82
CA ILE C 36 16.70 -7.03 -12.37
C ILE C 36 16.75 -8.51 -12.01
N GLU C 37 17.92 -9.01 -11.65
CA GLU C 37 18.00 -10.43 -11.27
C GLU C 37 18.03 -10.56 -9.75
N LEU C 38 17.23 -11.48 -9.22
CA LEU C 38 17.20 -11.66 -7.78
C LEU C 38 17.72 -13.05 -7.42
N PRO C 39 18.40 -13.16 -6.28
CA PRO C 39 18.91 -14.48 -5.88
C PRO C 39 17.76 -15.42 -5.54
N ASP C 40 18.06 -16.71 -5.45
CA ASP C 40 17.04 -17.70 -5.13
C ASP C 40 16.66 -17.64 -3.66
N GLU C 41 15.75 -18.50 -3.24
CA GLU C 41 15.28 -18.51 -1.86
C GLU C 41 16.15 -19.20 -0.81
N LYS C 42 16.12 -20.52 -0.74
CA LYS C 42 16.91 -21.23 0.27
C LYS C 42 18.41 -21.20 -0.04
N GLN C 50 8.90 -32.26 4.31
CA GLN C 50 8.68 -30.83 4.49
C GLN C 50 8.08 -30.18 3.26
N ASP C 51 6.76 -30.07 3.23
CA ASP C 51 6.06 -29.44 2.10
C ASP C 51 6.22 -27.93 2.24
N LYS C 53 6.58 -25.05 0.05
CA LYS C 53 6.42 -24.35 -1.22
C LYS C 53 6.36 -22.90 -0.80
N ILE C 54 6.41 -22.72 0.51
CA ILE C 54 6.37 -21.41 1.14
C ILE C 54 7.46 -20.51 0.56
N ILE C 55 8.51 -21.12 0.04
CA ILE C 55 9.60 -20.35 -0.54
C ILE C 55 9.24 -19.75 -1.90
N LYS C 56 8.36 -20.43 -2.64
CA LYS C 56 7.97 -19.92 -3.96
C LYS C 56 7.22 -18.61 -3.77
N ASP C 57 6.50 -18.54 -2.66
CA ASP C 57 5.72 -17.35 -2.35
C ASP C 57 6.64 -16.23 -1.87
N LYS C 58 7.82 -16.60 -1.38
CA LYS C 58 8.77 -15.61 -0.90
C LYS C 58 9.40 -14.93 -2.11
N GLU C 59 9.82 -15.70 -3.10
CA GLU C 59 10.41 -15.12 -4.30
C GLU C 59 9.31 -14.31 -4.94
N GLY C 60 8.09 -14.81 -4.80
CA GLY C 60 6.94 -14.14 -5.36
C GLY C 60 6.87 -12.74 -4.81
N ASP C 61 6.88 -12.62 -3.49
CA ASP C 61 6.83 -11.31 -2.85
C ASP C 61 7.96 -10.43 -3.32
N ARG C 62 9.17 -11.00 -3.33
CA ARG C 62 10.38 -10.29 -3.74
C ARG C 62 10.31 -9.81 -5.18
N ILE C 63 9.71 -10.60 -6.05
CA ILE C 63 9.57 -10.18 -7.42
C ILE C 63 8.64 -8.97 -7.41
N LEU C 64 7.58 -9.09 -6.62
CA LEU C 64 6.56 -8.05 -6.51
C LEU C 64 7.06 -6.72 -5.97
N SER C 65 8.01 -6.77 -5.04
CA SER C 65 8.54 -5.54 -4.47
C SER C 65 9.24 -4.70 -5.54
N LYS C 66 9.59 -5.34 -6.64
CA LYS C 66 10.29 -4.69 -7.74
C LYS C 66 9.38 -4.08 -8.79
N ILE C 67 8.09 -4.39 -8.71
CA ILE C 67 7.13 -3.89 -9.69
C ILE C 67 6.37 -2.62 -9.27
N SER C 68 6.51 -1.56 -10.06
CA SER C 68 5.80 -0.32 -9.75
C SER C 68 4.35 -0.52 -10.19
N PRO C 69 3.40 0.16 -9.53
CA PRO C 69 1.98 0.03 -9.87
C PRO C 69 1.60 0.51 -11.25
N ASP C 70 2.44 1.33 -11.87
CA ASP C 70 2.16 1.82 -13.22
C ASP C 70 2.69 0.89 -14.30
N ALA C 71 3.46 -0.11 -13.92
CA ALA C 71 4.03 -1.01 -14.93
C ALA C 71 3.02 -2.01 -15.44
N HIS C 72 3.12 -2.33 -16.72
CA HIS C 72 2.25 -3.32 -17.31
C HIS C 72 3.07 -4.61 -17.22
N VAL C 73 2.59 -5.55 -16.43
CA VAL C 73 3.30 -6.79 -16.19
C VAL C 73 2.93 -7.97 -17.05
N ILE C 74 3.95 -8.52 -17.71
CA ILE C 74 3.79 -9.69 -18.56
C ILE C 74 4.55 -10.81 -17.89
N ALA C 75 3.83 -11.81 -17.41
CA ALA C 75 4.48 -12.92 -16.75
C ALA C 75 4.70 -14.07 -17.73
N LEU C 76 5.91 -14.61 -17.71
CA LEU C 76 6.23 -15.73 -18.59
C LEU C 76 5.75 -16.96 -17.85
N ALA C 77 4.78 -17.66 -18.43
CA ALA C 77 4.24 -18.86 -17.82
C ALA C 77 3.83 -19.86 -18.90
N ILE C 78 3.64 -21.12 -18.51
CA ILE C 78 3.26 -22.15 -19.47
C ILE C 78 1.83 -22.02 -19.96
N GLU C 79 0.91 -21.80 -19.03
CA GLU C 79 -0.49 -21.66 -19.38
C GLU C 79 -0.83 -20.27 -19.86
N GLY C 80 0.14 -19.61 -20.48
CA GLY C 80 -0.09 -18.26 -20.96
C GLY C 80 -0.31 -18.24 -22.46
N LYS C 81 -0.64 -17.07 -22.98
CA LYS C 81 -0.88 -16.90 -24.41
C LYS C 81 0.36 -17.17 -25.24
N LYS C 83 2.09 -16.39 -28.42
CA LYS C 83 1.96 -15.38 -29.45
C LYS C 83 3.01 -15.49 -30.53
N THR C 84 2.75 -14.84 -31.66
CA THR C 84 3.70 -14.82 -32.77
C THR C 84 4.49 -13.56 -32.55
N SER C 85 5.69 -13.48 -33.13
CA SER C 85 6.51 -12.30 -32.98
C SER C 85 5.70 -11.05 -33.35
N GLU C 86 4.78 -11.22 -34.30
CA GLU C 86 3.95 -10.11 -34.74
C GLU C 86 3.00 -9.67 -33.63
N GLU C 87 2.18 -10.59 -33.15
CA GLU C 87 1.24 -10.28 -32.09
C GLU C 87 1.93 -9.58 -30.93
N LEU C 88 3.15 -10.00 -30.62
CA LEU C 88 3.90 -9.44 -29.50
C LEU C 88 4.38 -8.03 -29.87
N ALA C 89 4.60 -7.80 -31.16
CA ALA C 89 5.03 -6.49 -31.61
C ALA C 89 3.82 -5.59 -31.59
N ASP C 90 2.65 -6.20 -31.67
CA ASP C 90 1.41 -5.44 -31.65
C ASP C 90 1.01 -5.03 -30.23
N THR C 91 1.34 -5.85 -29.24
CA THR C 91 0.98 -5.52 -27.87
C THR C 91 2.00 -4.53 -27.33
N ILE C 92 3.21 -4.62 -27.83
CA ILE C 92 4.26 -3.73 -27.36
C ILE C 92 4.03 -2.35 -27.99
N ASP C 93 3.41 -2.34 -29.17
CA ASP C 93 3.11 -1.11 -29.88
C ASP C 93 1.94 -0.36 -29.26
N LYS C 94 0.93 -1.10 -28.82
CA LYS C 94 -0.26 -0.50 -28.22
C LYS C 94 0.09 0.02 -26.85
N LEU C 95 1.02 -0.66 -26.19
CA LEU C 95 1.45 -0.28 -24.87
C LEU C 95 2.26 0.99 -25.00
N ALA C 96 2.63 1.31 -26.24
CA ALA C 96 3.43 2.50 -26.46
C ALA C 96 2.58 3.69 -26.87
N THR C 97 1.32 3.45 -27.21
CA THR C 97 0.45 4.52 -27.66
C THR C 97 0.61 5.84 -26.88
N TYR C 98 0.84 5.78 -25.56
CA TYR C 98 1.06 7.01 -24.81
C TYR C 98 2.55 7.07 -24.49
N GLY C 99 3.03 8.19 -23.97
CA GLY C 99 4.45 8.31 -23.72
C GLY C 99 5.16 7.58 -22.60
N LYS C 100 4.83 7.94 -21.36
CA LYS C 100 5.47 7.34 -20.19
C LYS C 100 4.94 5.96 -19.86
N SER C 101 5.03 5.04 -20.82
CA SER C 101 4.55 3.69 -20.61
C SER C 101 5.67 2.82 -20.06
N LYS C 102 5.35 2.01 -19.07
CA LYS C 102 6.33 1.15 -18.44
C LYS C 102 5.90 -0.31 -18.58
N VAL C 103 6.82 -1.15 -19.04
CA VAL C 103 6.55 -2.57 -19.24
C VAL C 103 7.53 -3.47 -18.49
N THR C 104 6.98 -4.38 -17.70
CA THR C 104 7.78 -5.30 -16.91
C THR C 104 7.51 -6.77 -17.21
N PHE C 105 8.54 -7.47 -17.65
CA PHE C 105 8.50 -8.90 -17.94
C PHE C 105 9.01 -9.61 -16.69
N VAL C 106 8.35 -10.68 -16.29
CA VAL C 106 8.78 -11.41 -15.11
C VAL C 106 9.12 -12.85 -15.44
N ILE C 107 10.34 -13.27 -15.15
CA ILE C 107 10.75 -14.66 -15.37
C ILE C 107 11.08 -15.29 -14.02
N GLY C 108 10.32 -16.31 -13.65
CA GLY C 108 10.54 -16.99 -12.39
C GLY C 108 11.63 -18.05 -12.44
N GLY C 109 11.78 -18.78 -11.34
CA GLY C 109 12.80 -19.81 -11.29
C GLY C 109 12.18 -21.15 -11.62
N SER C 110 12.98 -22.20 -11.48
CA SER C 110 12.53 -23.56 -11.73
C SER C 110 11.21 -23.80 -11.03
N LEU C 111 11.12 -23.36 -9.78
CA LEU C 111 9.91 -23.54 -8.98
C LEU C 111 8.67 -22.81 -9.52
N GLY C 112 8.87 -21.80 -10.35
CA GLY C 112 7.73 -21.09 -10.90
C GLY C 112 7.26 -19.86 -10.14
N LEU C 113 6.31 -19.13 -10.73
CA LEU C 113 5.76 -17.92 -10.14
C LEU C 113 4.58 -18.21 -9.24
N SER C 114 4.53 -17.54 -8.10
CA SER C 114 3.45 -17.71 -7.12
C SER C 114 2.12 -17.16 -7.62
N ASP C 115 1.06 -17.51 -6.91
CA ASP C 115 -0.30 -17.05 -7.23
C ASP C 115 -0.43 -15.54 -7.05
N THR C 116 0.34 -14.98 -6.12
CA THR C 116 0.30 -13.56 -5.89
C THR C 116 0.88 -12.81 -7.06
N VAL C 117 1.93 -13.37 -7.67
CA VAL C 117 2.54 -12.74 -8.82
C VAL C 117 1.54 -12.80 -9.95
N LYS C 119 -1.55 -12.82 -9.73
CA LYS C 119 -2.66 -11.91 -9.54
C LYS C 119 -2.30 -10.52 -10.00
N ARG C 120 -1.02 -10.18 -9.94
CA ARG C 120 -0.57 -8.86 -10.35
C ARG C 120 -0.34 -8.80 -11.86
N ALA C 121 0.17 -9.87 -12.44
CA ALA C 121 0.43 -9.89 -13.87
C ALA C 121 -0.79 -9.52 -14.67
N ASP C 122 -0.64 -8.50 -15.51
CA ASP C 122 -1.70 -8.01 -16.38
C ASP C 122 -1.82 -8.95 -17.58
N GLU C 123 -0.77 -9.72 -17.81
CA GLU C 123 -0.74 -10.60 -18.96
C GLU C 123 0.15 -11.80 -18.72
N LYS C 124 -0.24 -12.93 -19.28
CA LYS C 124 0.51 -14.17 -19.18
C LYS C 124 1.01 -14.49 -20.57
N LEU C 125 2.29 -14.84 -20.69
CA LEU C 125 2.87 -15.13 -22.00
C LEU C 125 3.65 -16.44 -21.99
N SER C 126 3.48 -17.23 -23.04
CA SER C 126 4.19 -18.50 -23.15
C SER C 126 5.01 -18.48 -24.41
N PHE C 127 6.25 -18.97 -24.32
CA PHE C 127 7.11 -19.00 -25.47
C PHE C 127 7.12 -20.36 -26.14
N SER C 128 6.89 -21.40 -25.37
CA SER C 128 6.93 -22.75 -25.94
C SER C 128 6.20 -23.78 -25.09
N LYS C 129 5.82 -24.89 -25.72
CA LYS C 129 5.18 -25.97 -25.00
C LYS C 129 6.31 -26.78 -24.38
N THR C 131 10.07 -27.12 -22.27
CA THR C 131 10.63 -26.54 -21.07
C THR C 131 12.00 -25.97 -21.35
N PHE C 132 12.12 -24.64 -21.31
CA PHE C 132 13.41 -24.00 -21.55
C PHE C 132 14.06 -23.61 -20.23
N PRO C 133 15.36 -23.90 -20.08
CA PRO C 133 15.93 -23.49 -18.80
C PRO C 133 15.68 -21.97 -18.68
N HIS C 134 15.36 -21.50 -17.49
CA HIS C 134 15.07 -20.08 -17.32
C HIS C 134 16.21 -19.14 -17.67
N GLN C 135 17.44 -19.62 -17.56
CA GLN C 135 18.61 -18.81 -17.89
C GLN C 135 18.63 -18.54 -19.38
N LEU C 136 18.20 -19.52 -20.16
CA LEU C 136 18.17 -19.38 -21.61
C LEU C 136 16.91 -18.60 -22.02
N ARG C 138 15.71 -15.89 -20.56
CA ARG C 138 16.10 -14.49 -20.50
C ARG C 138 16.62 -14.00 -21.86
N LEU C 139 17.51 -14.77 -22.46
CA LEU C 139 18.09 -14.45 -23.76
C LEU C 139 17.03 -14.41 -24.87
N ILE C 140 16.20 -15.45 -24.90
CA ILE C 140 15.16 -15.54 -25.90
C ILE C 140 14.28 -14.29 -25.79
N LEU C 141 13.86 -13.97 -24.56
CA LEU C 141 13.02 -12.81 -24.32
C LEU C 141 13.63 -11.52 -24.85
N VAL C 142 14.92 -11.32 -24.63
CA VAL C 142 15.55 -10.11 -25.11
C VAL C 142 15.67 -10.05 -26.62
N GLU C 143 16.03 -11.16 -27.26
CA GLU C 143 16.13 -11.15 -28.71
C GLU C 143 14.76 -10.80 -29.24
N GLN C 144 13.74 -11.40 -28.64
CA GLN C 144 12.38 -11.18 -29.06
C GLN C 144 11.88 -9.75 -28.86
N ILE C 145 12.31 -9.09 -27.78
CA ILE C 145 11.88 -7.74 -27.55
C ILE C 145 12.53 -6.83 -28.56
N TYR C 146 13.76 -7.14 -28.92
CA TYR C 146 14.46 -6.33 -29.92
C TYR C 146 13.88 -6.61 -31.29
N ARG C 147 13.38 -7.83 -31.49
CA ARG C 147 12.78 -8.20 -32.75
C ARG C 147 11.46 -7.43 -32.90
N ALA C 148 10.75 -7.27 -31.79
CA ALA C 148 9.48 -6.55 -31.78
C ALA C 148 9.65 -5.11 -32.25
N PHE C 149 10.58 -4.39 -31.61
CA PHE C 149 10.83 -3.02 -31.97
C PHE C 149 11.18 -2.90 -33.44
N ARG C 150 11.88 -3.88 -33.99
CA ARG C 150 12.23 -3.83 -35.39
C ARG C 150 11.00 -4.06 -36.25
N ILE C 151 10.13 -5.00 -35.84
CA ILE C 151 8.91 -5.26 -36.59
C ILE C 151 8.10 -3.97 -36.61
N ASN C 152 8.09 -3.27 -35.48
CA ASN C 152 7.33 -2.03 -35.36
C ASN C 152 7.88 -0.90 -36.24
N ARG C 153 9.20 -0.74 -36.31
CA ARG C 153 9.77 0.32 -37.12
C ARG C 153 9.44 0.14 -38.60
N GLY C 154 8.88 -1.01 -38.96
CA GLY C 154 8.53 -1.25 -40.35
C GLY C 154 9.79 -1.51 -41.15
N GLU C 155 10.78 -2.10 -40.47
CA GLU C 155 12.07 -2.43 -41.09
C GLU C 155 12.22 -3.94 -41.17
N ASN D 2 22.83 -41.60 -33.68
CA ASN D 2 23.49 -40.90 -34.78
C ASN D 2 22.61 -39.71 -35.15
N ILE D 3 22.86 -38.59 -34.48
CA ILE D 3 22.08 -37.38 -34.74
C ILE D 3 22.85 -36.33 -35.49
N ASN D 4 22.31 -35.92 -36.63
CA ASN D 4 22.91 -34.88 -37.45
C ASN D 4 22.02 -33.65 -37.34
N ILE D 5 22.63 -32.49 -37.41
CA ILE D 5 21.85 -31.28 -37.38
C ILE D 5 22.36 -30.51 -38.57
N VAL D 6 21.58 -30.52 -39.64
CA VAL D 6 21.95 -29.81 -40.85
C VAL D 6 21.38 -28.41 -40.76
N THR D 7 22.27 -27.43 -40.65
CA THR D 7 21.86 -26.03 -40.55
C THR D 7 22.49 -25.17 -41.64
N ILE D 8 22.00 -23.93 -41.75
CA ILE D 8 22.50 -22.99 -42.73
C ILE D 8 23.41 -21.98 -42.05
N GLY D 9 24.37 -21.47 -42.80
CA GLY D 9 25.26 -20.46 -42.27
C GLY D 9 26.27 -20.90 -41.24
N LYS D 10 27.47 -20.33 -41.36
CA LYS D 10 28.58 -20.62 -40.46
C LYS D 10 28.29 -19.86 -39.16
N LEU D 11 27.93 -20.61 -38.12
CA LEU D 11 27.61 -20.08 -36.80
C LEU D 11 27.91 -18.60 -36.57
N LYS D 12 26.88 -17.87 -36.14
CA LYS D 12 26.97 -16.43 -35.88
C LYS D 12 28.26 -15.99 -35.19
N GLU D 13 28.27 -16.01 -33.85
CA GLU D 13 29.46 -15.58 -33.15
C GLU D 13 29.67 -16.12 -31.73
N LYS D 14 30.90 -15.94 -31.28
CA LYS D 14 31.42 -16.35 -29.98
C LYS D 14 30.51 -16.90 -28.88
N TYR D 15 29.47 -16.18 -28.51
CA TYR D 15 28.61 -16.68 -27.44
C TYR D 15 27.80 -17.93 -27.75
N LEU D 16 27.08 -17.91 -28.86
CA LEU D 16 26.27 -19.07 -29.25
C LEU D 16 27.13 -20.32 -29.44
N LYS D 17 28.28 -20.15 -30.09
CA LYS D 17 29.16 -21.27 -30.35
C LYS D 17 29.57 -21.96 -29.06
N GLN D 18 30.01 -21.18 -28.07
CA GLN D 18 30.42 -21.76 -26.80
C GLN D 18 29.27 -22.51 -26.15
N GLY D 19 28.04 -22.07 -26.41
CA GLY D 19 26.89 -22.73 -25.83
C GLY D 19 26.65 -24.10 -26.44
N ILE D 20 26.60 -24.15 -27.77
CA ILE D 20 26.40 -25.40 -28.49
C ILE D 20 27.56 -26.33 -28.18
N GLU D 21 28.78 -25.83 -28.33
CA GLU D 21 29.97 -26.61 -28.05
C GLU D 21 29.92 -27.13 -26.62
N GLU D 22 29.16 -26.43 -25.78
CA GLU D 22 29.02 -26.82 -24.38
C GLU D 22 28.03 -27.97 -24.23
N TYR D 23 26.90 -27.87 -24.91
CA TYR D 23 25.88 -28.92 -24.84
C TYR D 23 26.29 -30.14 -25.65
N THR D 24 26.99 -29.92 -26.75
CA THR D 24 27.44 -31.01 -27.60
C THR D 24 28.19 -32.06 -26.76
N LYS D 25 29.21 -31.62 -26.03
CA LYS D 25 30.00 -32.53 -25.21
C LYS D 25 29.19 -33.12 -24.05
N ARG D 26 28.28 -32.34 -23.48
CA ARG D 26 27.47 -32.85 -22.39
C ARG D 26 26.59 -33.97 -22.94
N LEU D 27 26.37 -33.95 -24.25
CA LEU D 27 25.53 -34.94 -24.92
C LEU D 27 26.31 -36.12 -25.52
N SER D 28 27.58 -35.91 -25.84
CA SER D 28 28.36 -37.00 -26.43
C SER D 28 28.43 -38.19 -25.48
N ALA D 29 28.17 -37.92 -24.20
CA ALA D 29 28.21 -38.97 -23.19
C ALA D 29 27.16 -40.03 -23.51
N TYR D 30 26.22 -39.66 -24.37
CA TYR D 30 25.15 -40.56 -24.76
C TYR D 30 25.24 -40.91 -26.25
N ALA D 31 25.02 -39.93 -27.11
CA ALA D 31 25.07 -40.15 -28.55
C ALA D 31 26.12 -39.28 -29.24
N LYS D 32 26.31 -39.52 -30.53
CA LYS D 32 27.27 -38.78 -31.34
C LYS D 32 26.52 -37.86 -32.28
N ILE D 33 26.57 -36.56 -32.04
CA ILE D 33 25.87 -35.62 -32.91
C ILE D 33 26.84 -34.80 -33.75
N ASP D 34 26.43 -34.52 -34.98
CA ASP D 34 27.26 -33.75 -35.91
C ASP D 34 26.49 -32.54 -36.42
N ILE D 35 27.12 -31.37 -36.32
CA ILE D 35 26.51 -30.14 -36.78
C ILE D 35 26.99 -29.84 -38.18
N ILE D 36 26.15 -30.10 -39.17
CA ILE D 36 26.51 -29.85 -40.56
C ILE D 36 26.21 -28.40 -40.92
N GLU D 37 27.25 -27.57 -41.05
CA GLU D 37 27.06 -26.16 -41.38
C GLU D 37 27.17 -25.93 -42.88
N LEU D 38 26.08 -25.50 -43.51
CA LEU D 38 26.05 -25.25 -44.94
C LEU D 38 26.23 -23.76 -45.25
N PRO D 39 27.00 -23.43 -46.30
CA PRO D 39 27.22 -22.02 -46.66
C PRO D 39 25.95 -21.37 -47.23
N ASP D 40 25.68 -20.14 -46.78
CA ASP D 40 24.51 -19.41 -47.23
C ASP D 40 24.92 -18.27 -48.17
N LEU D 47 14.75 -8.83 -49.15
CA LEU D 47 14.50 -7.71 -50.05
C LEU D 47 13.50 -8.04 -51.15
N SER D 48 13.99 -8.60 -52.26
CA SER D 48 13.14 -8.95 -53.40
C SER D 48 12.14 -10.05 -53.05
N ASP D 49 11.38 -10.50 -54.05
CA ASP D 49 10.38 -11.55 -53.83
C ASP D 49 10.71 -12.86 -54.52
N GLN D 50 10.85 -12.83 -55.85
CA GLN D 50 11.15 -14.03 -56.60
C GLN D 50 12.57 -14.54 -56.42
N ASP D 51 13.46 -13.71 -55.90
CA ASP D 51 14.83 -14.14 -55.68
C ASP D 51 14.88 -14.99 -54.42
N LYS D 53 12.51 -17.26 -53.25
CA LYS D 53 12.14 -18.63 -53.61
C LYS D 53 13.27 -19.36 -54.32
N ILE D 54 14.07 -18.61 -55.08
CA ILE D 54 15.18 -19.19 -55.81
C ILE D 54 16.24 -19.64 -54.81
N ILE D 55 16.65 -18.71 -53.96
CA ILE D 55 17.66 -18.98 -52.92
C ILE D 55 17.16 -20.04 -51.95
N LYS D 56 15.84 -20.10 -51.78
CA LYS D 56 15.24 -21.07 -50.88
C LYS D 56 15.50 -22.49 -51.37
N ASP D 57 15.15 -22.75 -52.63
CA ASP D 57 15.36 -24.08 -53.20
C ASP D 57 16.85 -24.37 -53.29
N LYS D 58 17.67 -23.33 -53.43
CA LYS D 58 19.11 -23.52 -53.51
C LYS D 58 19.61 -24.10 -52.18
N GLU D 59 19.36 -23.39 -51.08
CA GLU D 59 19.78 -23.87 -49.76
C GLU D 59 19.13 -25.23 -49.55
N GLY D 60 17.89 -25.37 -50.01
CA GLY D 60 17.16 -26.61 -49.89
C GLY D 60 17.91 -27.78 -50.50
N ASP D 61 18.20 -27.70 -51.79
CA ASP D 61 18.93 -28.79 -52.44
C ASP D 61 20.26 -28.96 -51.73
N ARG D 62 20.80 -27.85 -51.23
CA ARG D 62 22.06 -27.89 -50.51
C ARG D 62 21.87 -28.75 -49.27
N ILE D 63 20.66 -28.70 -48.72
CA ILE D 63 20.29 -29.45 -47.52
C ILE D 63 20.10 -30.93 -47.82
N LEU D 64 19.33 -31.23 -48.86
CA LEU D 64 19.04 -32.59 -49.27
C LEU D 64 20.29 -33.38 -49.62
N SER D 65 21.32 -32.69 -50.11
CA SER D 65 22.54 -33.39 -50.50
C SER D 65 23.27 -33.94 -49.29
N LYS D 66 22.69 -33.80 -48.11
CA LYS D 66 23.33 -34.33 -46.92
C LYS D 66 22.41 -35.24 -46.13
N ILE D 67 21.30 -35.65 -46.74
CA ILE D 67 20.35 -36.51 -46.05
C ILE D 67 20.15 -37.90 -46.64
N SER D 68 20.57 -38.92 -45.88
CA SER D 68 20.42 -40.31 -46.29
C SER D 68 18.93 -40.64 -46.41
N PRO D 69 18.61 -41.75 -47.09
CA PRO D 69 17.20 -42.12 -47.23
C PRO D 69 16.73 -42.87 -45.99
N ASP D 70 17.67 -43.59 -45.38
CA ASP D 70 17.37 -44.36 -44.18
C ASP D 70 17.46 -43.45 -42.96
N ALA D 71 17.31 -42.16 -43.21
CA ALA D 71 17.39 -41.20 -42.12
C ALA D 71 16.00 -40.71 -41.77
N HIS D 72 15.77 -40.45 -40.48
CA HIS D 72 14.49 -39.91 -40.08
C HIS D 72 14.73 -38.41 -40.00
N VAL D 73 14.05 -37.68 -40.88
CA VAL D 73 14.24 -36.24 -40.93
C VAL D 73 13.18 -35.45 -40.20
N ILE D 74 13.63 -34.65 -39.24
CA ILE D 74 12.74 -33.79 -38.49
C ILE D 74 13.11 -32.37 -38.84
N ALA D 75 12.23 -31.72 -39.57
CA ALA D 75 12.45 -30.35 -39.98
C ALA D 75 11.82 -29.35 -39.02
N LEU D 76 12.60 -28.36 -38.63
CA LEU D 76 12.08 -27.31 -37.76
C LEU D 76 11.36 -26.26 -38.60
N ALA D 77 10.09 -26.07 -38.28
CA ALA D 77 9.24 -25.10 -38.97
C ALA D 77 8.24 -24.55 -37.96
N ILE D 78 8.08 -23.23 -37.93
CA ILE D 78 7.15 -22.59 -36.99
C ILE D 78 5.72 -23.11 -37.11
N GLU D 79 5.41 -23.77 -38.23
CA GLU D 79 4.07 -24.30 -38.43
C GLU D 79 3.99 -25.82 -38.19
N GLY D 80 5.10 -26.41 -37.78
CA GLY D 80 5.10 -27.84 -37.50
C GLY D 80 4.31 -28.14 -36.26
N LYS D 81 4.40 -29.37 -35.77
CA LYS D 81 3.72 -29.80 -34.56
C LYS D 81 4.46 -29.23 -33.36
N LYS D 83 5.49 -30.08 -29.99
CA LYS D 83 5.70 -31.09 -28.97
C LYS D 83 6.30 -30.53 -27.67
N THR D 84 5.93 -31.15 -26.56
CA THR D 84 6.44 -30.75 -25.26
C THR D 84 7.81 -31.41 -25.15
N SER D 85 8.58 -31.07 -24.12
CA SER D 85 9.89 -31.68 -23.96
C SER D 85 9.74 -33.18 -23.79
N GLU D 86 8.75 -33.58 -22.99
CA GLU D 86 8.50 -34.98 -22.74
C GLU D 86 8.24 -35.70 -24.06
N GLU D 87 7.34 -35.14 -24.87
CA GLU D 87 7.04 -35.76 -26.15
C GLU D 87 8.26 -35.84 -27.06
N LEU D 88 9.13 -34.84 -26.94
CA LEU D 88 10.34 -34.79 -27.75
C LEU D 88 11.22 -35.96 -27.28
N ALA D 89 11.21 -36.24 -25.98
CA ALA D 89 11.97 -37.33 -25.42
C ALA D 89 11.39 -38.67 -25.89
N ASP D 90 10.07 -38.74 -26.04
CA ASP D 90 9.43 -39.98 -26.47
C ASP D 90 9.75 -40.34 -27.91
N THR D 91 9.84 -39.34 -28.79
CA THR D 91 10.14 -39.59 -30.18
C THR D 91 11.56 -40.10 -30.34
N ILE D 92 12.52 -39.44 -29.70
CA ILE D 92 13.89 -39.90 -29.79
C ILE D 92 13.92 -41.34 -29.29
N ASP D 93 13.22 -41.57 -28.19
CA ASP D 93 13.13 -42.89 -27.57
C ASP D 93 12.56 -43.90 -28.55
N LYS D 94 11.34 -43.61 -29.03
CA LYS D 94 10.67 -44.49 -29.97
C LYS D 94 11.54 -44.80 -31.18
N LEU D 95 11.99 -43.74 -31.86
CA LEU D 95 12.83 -43.88 -33.03
C LEU D 95 13.95 -44.88 -32.82
N ALA D 96 14.50 -44.95 -31.61
CA ALA D 96 15.57 -45.91 -31.35
C ALA D 96 14.98 -47.31 -31.41
N THR D 97 13.91 -47.50 -30.63
CA THR D 97 13.22 -48.77 -30.57
C THR D 97 12.86 -49.24 -31.97
N TYR D 98 12.47 -48.31 -32.83
CA TYR D 98 12.10 -48.65 -34.19
C TYR D 98 13.26 -48.87 -35.15
N GLY D 99 14.41 -49.23 -34.61
CA GLY D 99 15.57 -49.50 -35.46
C GLY D 99 16.23 -48.28 -36.05
N LYS D 100 15.45 -47.35 -36.58
CA LYS D 100 16.00 -46.15 -37.18
C LYS D 100 17.10 -45.57 -36.29
N SER D 101 18.35 -45.73 -36.71
CA SER D 101 19.49 -45.21 -35.96
C SER D 101 20.09 -43.95 -36.58
N LYS D 102 19.40 -43.41 -37.57
CA LYS D 102 19.84 -42.17 -38.23
C LYS D 102 18.74 -41.14 -38.14
N VAL D 103 18.96 -40.17 -37.27
CA VAL D 103 18.00 -39.11 -37.07
C VAL D 103 18.65 -37.80 -37.48
N THR D 104 17.94 -37.01 -38.28
CA THR D 104 18.49 -35.75 -38.72
C THR D 104 17.50 -34.61 -38.56
N PHE D 105 17.90 -33.59 -37.80
CA PHE D 105 17.08 -32.38 -37.58
C PHE D 105 17.53 -31.34 -38.60
N VAL D 106 16.59 -30.64 -39.23
CA VAL D 106 16.95 -29.64 -40.23
C VAL D 106 16.53 -28.22 -39.87
N ILE D 107 17.48 -27.29 -39.90
CA ILE D 107 17.17 -25.90 -39.59
C ILE D 107 17.53 -25.04 -40.80
N GLY D 108 16.54 -24.35 -41.34
CA GLY D 108 16.81 -23.54 -42.51
C GLY D 108 17.44 -22.20 -42.21
N GLY D 109 17.52 -21.37 -43.24
CA GLY D 109 18.08 -20.04 -43.11
C GLY D 109 16.95 -19.05 -42.97
N SER D 110 17.28 -17.76 -43.04
CA SER D 110 16.29 -16.70 -42.89
C SER D 110 15.02 -16.89 -43.72
N LEU D 111 15.18 -17.38 -44.95
CA LEU D 111 14.05 -17.60 -45.84
C LEU D 111 13.20 -18.83 -45.58
N GLY D 112 13.71 -19.74 -44.76
CA GLY D 112 12.96 -20.94 -44.44
C GLY D 112 13.30 -22.13 -45.32
N LEU D 113 12.64 -23.24 -45.07
CA LEU D 113 12.90 -24.46 -45.83
C LEU D 113 12.01 -24.57 -47.07
N SER D 114 12.62 -24.94 -48.18
CA SER D 114 11.91 -25.09 -49.44
C SER D 114 10.89 -26.23 -49.37
N ASP D 115 9.98 -26.25 -50.35
CA ASP D 115 8.93 -27.27 -50.43
C ASP D 115 9.53 -28.68 -50.59
N THR D 116 10.63 -28.76 -51.32
CA THR D 116 11.32 -30.03 -51.55
C THR D 116 11.91 -30.59 -50.27
N VAL D 117 12.26 -29.69 -49.36
CA VAL D 117 12.82 -30.08 -48.07
C VAL D 117 11.71 -30.57 -47.17
N LYS D 119 8.91 -31.83 -48.01
CA LYS D 119 8.39 -33.08 -48.53
C LYS D 119 9.22 -34.27 -48.04
N ARG D 120 10.53 -34.09 -47.99
CA ARG D 120 11.41 -35.16 -47.52
C ARG D 120 11.27 -35.33 -46.01
N ALA D 121 10.75 -34.31 -45.37
CA ALA D 121 10.56 -34.30 -43.93
C ALA D 121 9.57 -35.34 -43.43
N ASP D 122 10.05 -36.25 -42.58
CA ASP D 122 9.19 -37.29 -42.04
C ASP D 122 8.28 -36.69 -40.96
N GLU D 123 8.74 -35.57 -40.41
CA GLU D 123 8.03 -34.82 -39.36
C GLU D 123 8.47 -33.36 -39.40
N LYS D 124 7.61 -32.48 -38.91
CA LYS D 124 7.95 -31.06 -38.84
C LYS D 124 7.81 -30.72 -37.36
N LEU D 125 8.84 -30.13 -36.79
CA LEU D 125 8.85 -29.78 -35.36
C LEU D 125 8.78 -28.29 -35.12
N SER D 126 7.84 -27.85 -34.28
CA SER D 126 7.71 -26.43 -33.94
C SER D 126 8.13 -26.22 -32.49
N PHE D 127 8.94 -25.19 -32.26
CA PHE D 127 9.40 -24.85 -30.92
C PHE D 127 8.63 -23.68 -30.35
N SER D 128 7.86 -22.99 -31.17
CA SER D 128 7.12 -21.83 -30.72
C SER D 128 6.32 -21.14 -31.83
N LYS D 129 5.34 -20.34 -31.45
CA LYS D 129 4.57 -19.60 -32.44
C LYS D 129 5.43 -18.40 -32.84
N THR D 131 9.05 -16.42 -33.89
CA THR D 131 10.17 -16.65 -34.78
C THR D 131 11.51 -16.40 -34.09
N PHE D 132 12.37 -17.41 -34.11
CA PHE D 132 13.68 -17.27 -33.48
C PHE D 132 14.74 -17.24 -34.57
N PRO D 133 15.86 -16.55 -34.32
CA PRO D 133 16.91 -16.52 -35.35
C PRO D 133 17.37 -17.96 -35.54
N HIS D 134 17.82 -18.33 -36.75
CA HIS D 134 18.23 -19.71 -36.96
C HIS D 134 19.38 -20.11 -36.06
N GLN D 135 20.34 -19.21 -35.88
CA GLN D 135 21.48 -19.51 -35.01
C GLN D 135 21.05 -19.84 -33.58
N LEU D 136 20.12 -19.05 -33.05
CA LEU D 136 19.64 -19.29 -31.69
C LEU D 136 18.89 -20.61 -31.64
N ARG D 138 19.65 -23.13 -33.12
CA ARG D 138 20.70 -24.14 -33.08
C ARG D 138 21.06 -24.47 -31.63
N LEU D 139 20.99 -23.46 -30.76
CA LEU D 139 21.30 -23.67 -29.35
C LEU D 139 20.14 -24.32 -28.64
N ILE D 140 18.94 -23.80 -28.91
CA ILE D 140 17.75 -24.33 -28.31
C ILE D 140 17.62 -25.83 -28.64
N LEU D 141 17.75 -26.19 -29.91
CA LEU D 141 17.63 -27.59 -30.31
C LEU D 141 18.62 -28.48 -29.57
N VAL D 142 19.90 -28.15 -29.62
CA VAL D 142 20.89 -28.97 -28.94
C VAL D 142 20.57 -29.09 -27.44
N GLU D 143 20.01 -28.03 -26.87
CA GLU D 143 19.68 -28.06 -25.45
C GLU D 143 18.49 -28.99 -25.19
N GLN D 144 17.49 -28.98 -26.09
CA GLN D 144 16.31 -29.83 -25.96
C GLN D 144 16.70 -31.30 -26.13
N ILE D 145 17.57 -31.57 -27.10
CA ILE D 145 18.03 -32.92 -27.34
C ILE D 145 18.77 -33.37 -26.09
N TYR D 146 19.55 -32.50 -25.50
CA TYR D 146 20.25 -32.89 -24.28
C TYR D 146 19.21 -33.23 -23.23
N ARG D 147 18.24 -32.36 -23.08
CA ARG D 147 17.15 -32.52 -22.12
C ARG D 147 16.41 -33.83 -22.35
N ALA D 148 16.22 -34.20 -23.61
CA ALA D 148 15.51 -35.43 -23.96
C ALA D 148 16.26 -36.66 -23.53
N PHE D 149 17.56 -36.69 -23.83
CA PHE D 149 18.36 -37.83 -23.42
C PHE D 149 18.37 -37.92 -21.90
N ARG D 150 18.41 -36.77 -21.24
CA ARG D 150 18.44 -36.72 -19.80
C ARG D 150 17.16 -37.30 -19.21
N ILE D 151 16.01 -36.90 -19.75
CA ILE D 151 14.75 -37.42 -19.25
C ILE D 151 14.76 -38.94 -19.35
N ASN D 152 14.89 -39.46 -20.57
CA ASN D 152 14.91 -40.89 -20.82
C ASN D 152 15.95 -41.68 -20.01
N ARG D 153 17.23 -41.42 -20.28
CA ARG D 153 18.32 -42.12 -19.57
C ARG D 153 18.01 -42.44 -18.11
N GLY D 154 17.69 -41.42 -17.31
CA GLY D 154 17.39 -41.65 -15.92
C GLY D 154 17.97 -40.60 -15.00
N GLU D 155 18.95 -39.85 -15.50
CA GLU D 155 19.59 -38.80 -14.72
C GLU D 155 18.84 -37.48 -14.88
N PRO D 156 18.65 -36.74 -13.77
CA PRO D 156 17.94 -35.46 -13.85
C PRO D 156 18.70 -34.45 -14.72
N TYR D 157 18.07 -33.31 -15.01
CA TYR D 157 18.71 -32.30 -15.85
C TYR D 157 20.10 -31.88 -15.34
N ASN E 2 -18.87 59.95 -21.17
CA ASN E 2 -19.87 58.91 -20.91
C ASN E 2 -19.78 57.66 -21.79
N ILE E 3 -19.11 56.66 -21.27
CA ILE E 3 -18.92 55.37 -21.93
C ILE E 3 -19.80 54.31 -21.28
N ASN E 4 -20.61 53.65 -22.08
CA ASN E 4 -21.47 52.57 -21.60
C ASN E 4 -20.90 51.25 -22.08
N ILE E 5 -20.98 50.22 -21.25
CA ILE E 5 -20.51 48.91 -21.66
C ILE E 5 -21.67 47.97 -21.47
N VAL E 6 -22.27 47.56 -22.58
CA VAL E 6 -23.42 46.66 -22.53
C VAL E 6 -22.93 45.22 -22.62
N THR E 7 -23.09 44.50 -21.51
CA THR E 7 -22.66 43.10 -21.42
C THR E 7 -23.80 42.15 -21.07
N ILE E 8 -23.51 40.86 -21.18
CA ILE E 8 -24.49 39.83 -20.88
C ILE E 8 -24.15 39.11 -19.59
N GLY E 9 -25.13 38.99 -18.71
CA GLY E 9 -24.92 38.29 -17.46
C GLY E 9 -24.24 39.11 -16.39
N LYS E 10 -24.33 38.63 -15.17
CA LYS E 10 -23.71 39.30 -14.02
C LYS E 10 -22.40 38.58 -13.72
N LEU E 11 -21.41 39.34 -13.28
CA LEU E 11 -20.11 38.76 -12.97
C LEU E 11 -20.16 37.74 -11.86
N LYS E 12 -20.25 36.47 -12.23
CA LYS E 12 -20.30 35.38 -11.26
C LYS E 12 -18.91 35.07 -10.74
N GLU E 13 -17.89 35.57 -11.43
CA GLU E 13 -16.51 35.33 -11.03
C GLU E 13 -16.04 36.38 -10.02
N LYS E 14 -15.93 35.95 -8.76
CA LYS E 14 -15.49 36.83 -7.68
C LYS E 14 -14.27 37.69 -8.00
N TYR E 15 -13.26 37.09 -8.61
CA TYR E 15 -12.03 37.83 -8.90
C TYR E 15 -12.12 38.94 -9.93
N LEU E 16 -12.92 38.76 -10.96
CA LEU E 16 -13.04 39.79 -11.99
C LEU E 16 -13.79 41.01 -11.48
N LYS E 17 -14.70 40.76 -10.53
CA LYS E 17 -15.51 41.81 -9.92
C LYS E 17 -14.63 42.97 -9.46
N GLN E 18 -13.80 42.72 -8.46
CA GLN E 18 -12.93 43.77 -7.95
C GLN E 18 -11.98 44.26 -9.02
N GLY E 19 -11.57 43.36 -9.91
CA GLY E 19 -10.66 43.75 -10.97
C GLY E 19 -11.30 44.88 -11.76
N ILE E 20 -12.53 44.65 -12.19
CA ILE E 20 -13.27 45.65 -12.95
C ILE E 20 -13.55 46.86 -12.10
N GLU E 21 -14.10 46.64 -10.90
CA GLU E 21 -14.43 47.72 -9.99
C GLU E 21 -13.24 48.65 -9.77
N GLU E 22 -12.03 48.11 -9.79
CA GLU E 22 -10.85 48.94 -9.59
C GLU E 22 -10.56 49.80 -10.80
N TYR E 23 -10.57 49.21 -11.98
CA TYR E 23 -10.30 49.97 -13.20
C TYR E 23 -11.42 50.97 -13.46
N THR E 24 -12.66 50.53 -13.24
CA THR E 24 -13.83 51.39 -13.46
C THR E 24 -13.66 52.66 -12.63
N LYS E 25 -13.05 52.53 -11.46
CA LYS E 25 -12.82 53.65 -10.55
C LYS E 25 -11.66 54.53 -11.03
N ARG E 26 -10.53 53.89 -11.34
CA ARG E 26 -9.35 54.62 -11.81
C ARG E 26 -9.70 55.36 -13.09
N LEU E 27 -10.77 54.90 -13.74
CA LEU E 27 -11.20 55.48 -15.00
C LEU E 27 -12.21 56.61 -14.89
N SER E 28 -13.04 56.60 -13.85
CA SER E 28 -14.05 57.63 -13.67
C SER E 28 -13.51 59.04 -13.52
N ALA E 29 -12.20 59.16 -13.26
CA ALA E 29 -11.58 60.46 -13.11
C ALA E 29 -11.59 61.21 -14.45
N TYR E 30 -11.34 60.46 -15.52
CA TYR E 30 -11.29 61.02 -16.86
C TYR E 30 -12.68 61.16 -17.46
N ALA E 31 -13.54 60.17 -17.20
CA ALA E 31 -14.91 60.18 -17.70
C ALA E 31 -15.66 59.12 -16.90
N LYS E 32 -16.96 59.31 -16.73
CA LYS E 32 -17.73 58.33 -15.97
C LYS E 32 -18.29 57.24 -16.87
N ILE E 33 -17.80 56.02 -16.69
CA ILE E 33 -18.28 54.91 -17.50
C ILE E 33 -19.33 54.17 -16.70
N ASP E 34 -20.10 53.33 -17.37
CA ASP E 34 -21.15 52.59 -16.70
C ASP E 34 -21.35 51.20 -17.31
N ILE E 35 -21.04 50.16 -16.55
CA ILE E 35 -21.22 48.80 -17.06
C ILE E 35 -22.68 48.44 -16.89
N ILE E 36 -23.26 47.89 -17.94
CA ILE E 36 -24.67 47.50 -17.90
C ILE E 36 -24.78 45.99 -18.02
N GLU E 37 -24.93 45.31 -16.89
CA GLU E 37 -25.07 43.86 -16.85
C GLU E 37 -26.55 43.52 -16.96
N LEU E 38 -26.94 42.83 -18.02
CA LEU E 38 -28.34 42.45 -18.14
C LEU E 38 -28.47 40.94 -18.03
N PRO E 39 -29.59 40.47 -17.47
CA PRO E 39 -29.90 39.04 -17.28
C PRO E 39 -29.75 38.14 -18.49
N ASP E 40 -29.45 36.87 -18.23
CA ASP E 40 -29.30 35.86 -19.26
C ASP E 40 -30.68 35.49 -19.83
N ILE E 55 -32.69 30.68 -30.92
CA ILE E 55 -32.86 32.12 -31.06
C ILE E 55 -32.01 32.90 -30.05
N LYS E 56 -30.86 33.35 -30.53
CA LYS E 56 -29.90 34.13 -29.76
C LYS E 56 -30.20 35.62 -29.92
N ASP E 57 -31.22 35.89 -30.73
CA ASP E 57 -31.64 37.25 -31.03
C ASP E 57 -32.49 37.92 -29.96
N LYS E 58 -32.98 37.14 -29.00
CA LYS E 58 -33.79 37.74 -27.94
C LYS E 58 -32.91 38.71 -27.15
N GLU E 59 -31.69 38.28 -26.82
CA GLU E 59 -30.74 39.10 -26.08
C GLU E 59 -30.33 40.34 -26.86
N GLY E 60 -30.19 40.19 -28.17
CA GLY E 60 -29.82 41.32 -28.99
C GLY E 60 -30.84 42.42 -28.87
N ASP E 61 -32.11 42.03 -28.76
CA ASP E 61 -33.18 42.99 -28.60
C ASP E 61 -32.97 43.70 -27.27
N ARG E 62 -32.53 42.92 -26.27
CA ARG E 62 -32.27 43.44 -24.94
C ARG E 62 -31.09 44.40 -25.01
N ILE E 63 -30.10 44.04 -25.81
CA ILE E 63 -28.91 44.87 -25.96
C ILE E 63 -29.32 46.17 -26.64
N LEU E 64 -29.97 46.05 -27.80
CA LEU E 64 -30.41 47.18 -28.58
C LEU E 64 -31.27 48.14 -27.76
N SER E 65 -32.19 47.60 -26.97
CA SER E 65 -33.08 48.43 -26.17
C SER E 65 -32.31 49.15 -25.10
N LYS E 66 -31.00 49.05 -25.14
CA LYS E 66 -30.17 49.74 -24.15
C LYS E 66 -29.29 50.76 -24.89
N ILE E 67 -29.27 50.66 -26.21
CA ILE E 67 -28.48 51.53 -27.04
C ILE E 67 -29.22 52.75 -27.58
N SER E 68 -28.68 53.92 -27.30
CA SER E 68 -29.26 55.17 -27.75
C SER E 68 -28.97 55.41 -29.24
N PRO E 69 -29.89 56.07 -29.95
CA PRO E 69 -29.65 56.33 -31.37
C PRO E 69 -28.49 57.30 -31.65
N ASP E 70 -28.20 58.20 -30.72
CA ASP E 70 -27.11 59.15 -30.92
C ASP E 70 -25.80 58.60 -30.42
N ALA E 71 -25.76 57.31 -30.15
CA ALA E 71 -24.57 56.69 -29.63
C ALA E 71 -23.67 56.04 -30.67
N HIS E 72 -22.37 56.12 -30.45
CA HIS E 72 -21.41 55.48 -31.35
C HIS E 72 -21.20 54.08 -30.73
N VAL E 73 -21.54 53.05 -31.48
CA VAL E 73 -21.46 51.71 -30.93
C VAL E 73 -20.33 50.81 -31.38
N ILE E 74 -19.42 50.50 -30.46
CA ILE E 74 -18.28 49.64 -30.73
C ILE E 74 -18.61 48.23 -30.26
N ALA E 75 -18.84 47.33 -31.20
CA ALA E 75 -19.16 45.95 -30.90
C ALA E 75 -17.91 45.06 -30.94
N LEU E 76 -17.68 44.29 -29.88
CA LEU E 76 -16.54 43.39 -29.88
C LEU E 76 -16.93 42.11 -30.61
N ALA E 77 -16.20 41.78 -31.66
CA ALA E 77 -16.47 40.59 -32.47
C ALA E 77 -15.14 40.06 -33.00
N ILE E 78 -14.92 38.76 -32.92
CA ILE E 78 -13.66 38.18 -33.38
C ILE E 78 -13.32 38.61 -34.80
N GLU E 79 -14.32 38.64 -35.67
CA GLU E 79 -14.11 39.03 -37.06
C GLU E 79 -13.96 40.55 -37.24
N GLY E 80 -14.01 41.30 -36.14
CA GLY E 80 -13.88 42.75 -36.21
C GLY E 80 -12.48 43.25 -36.55
N LYS E 81 -12.32 44.56 -36.60
CA LYS E 81 -11.02 45.15 -36.92
C LYS E 81 -10.09 45.06 -35.71
N LYS E 83 -7.21 46.53 -33.67
CA LYS E 83 -6.47 47.75 -33.45
C LYS E 83 -5.41 47.63 -32.36
N THR E 84 -4.35 48.42 -32.50
CA THR E 84 -3.29 48.41 -31.49
C THR E 84 -3.88 49.23 -30.36
N SER E 85 -3.21 49.25 -29.22
CA SER E 85 -3.75 50.01 -28.12
C SER E 85 -3.71 51.49 -28.50
N GLU E 86 -2.70 51.87 -29.28
CA GLU E 86 -2.54 53.24 -29.72
C GLU E 86 -3.69 53.63 -30.63
N GLU E 87 -3.96 52.79 -31.62
CA GLU E 87 -5.04 53.06 -32.55
C GLU E 87 -6.38 53.24 -31.86
N LEU E 88 -6.58 52.49 -30.79
CA LEU E 88 -7.84 52.54 -30.06
C LEU E 88 -7.90 53.84 -29.25
N ALA E 89 -6.75 54.48 -29.07
CA ALA E 89 -6.72 55.73 -28.36
C ALA E 89 -7.13 56.80 -29.35
N ASP E 90 -6.71 56.63 -30.60
CA ASP E 90 -7.06 57.60 -31.64
C ASP E 90 -8.58 57.64 -31.81
N THR E 91 -9.19 56.46 -31.89
CA THR E 91 -10.62 56.36 -32.05
C THR E 91 -11.43 57.10 -30.98
N ILE E 92 -10.99 56.97 -29.73
CA ILE E 92 -11.69 57.60 -28.62
C ILE E 92 -11.46 59.10 -28.63
N ASP E 93 -10.24 59.47 -28.98
CA ASP E 93 -9.86 60.86 -29.06
C ASP E 93 -10.66 61.48 -30.18
N LYS E 94 -10.65 60.82 -31.32
CA LYS E 94 -11.39 61.34 -32.46
C LYS E 94 -12.86 61.55 -32.14
N LEU E 95 -13.51 60.52 -31.60
CA LEU E 95 -14.93 60.61 -31.27
C LEU E 95 -15.27 61.83 -30.39
N ALA E 96 -14.45 62.11 -29.39
CA ALA E 96 -14.72 63.26 -28.51
C ALA E 96 -14.71 64.54 -29.34
N THR E 97 -13.92 64.53 -30.40
CA THR E 97 -13.77 65.67 -31.27
C THR E 97 -14.87 65.78 -32.32
N TYR E 98 -15.38 64.64 -32.79
CA TYR E 98 -16.43 64.69 -33.78
C TYR E 98 -17.81 64.79 -33.14
N GLY E 99 -17.83 65.08 -31.84
CA GLY E 99 -19.10 65.25 -31.14
C GLY E 99 -19.75 64.08 -30.43
N LYS E 100 -19.40 62.86 -30.81
CA LYS E 100 -19.99 61.67 -30.18
C LYS E 100 -19.74 61.61 -28.66
N SER E 101 -20.61 62.23 -27.87
CA SER E 101 -20.43 62.22 -26.42
C SER E 101 -20.90 60.91 -25.78
N LYS E 102 -21.55 60.04 -26.57
CA LYS E 102 -22.03 58.77 -26.07
C LYS E 102 -21.32 57.61 -26.77
N VAL E 103 -20.47 56.88 -26.04
CA VAL E 103 -19.79 55.74 -26.63
C VAL E 103 -20.19 54.47 -25.91
N THR E 104 -20.73 53.53 -26.67
CA THR E 104 -21.18 52.27 -26.12
C THR E 104 -20.46 51.06 -26.71
N PHE E 105 -19.84 50.27 -25.84
CA PHE E 105 -19.13 49.05 -26.22
C PHE E 105 -20.10 47.90 -25.93
N VAL E 106 -20.20 46.95 -26.84
CA VAL E 106 -21.10 45.82 -26.64
C VAL E 106 -20.36 44.50 -26.59
N ILE E 107 -20.61 43.72 -25.55
CA ILE E 107 -19.97 42.41 -25.41
C ILE E 107 -21.07 41.35 -25.37
N GLY E 108 -20.99 40.39 -26.29
CA GLY E 108 -21.98 39.35 -26.33
C GLY E 108 -21.74 38.26 -25.31
N GLY E 109 -22.77 37.48 -25.02
CA GLY E 109 -22.65 36.39 -24.08
C GLY E 109 -22.07 35.21 -24.85
N SER E 110 -22.18 34.02 -24.27
CA SER E 110 -21.66 32.82 -24.90
C SER E 110 -22.23 32.68 -26.31
N LEU E 111 -23.54 32.79 -26.41
CA LEU E 111 -24.26 32.67 -27.69
C LEU E 111 -23.88 33.73 -28.73
N GLY E 112 -23.18 34.78 -28.30
CA GLY E 112 -22.75 35.81 -29.23
C GLY E 112 -23.68 37.00 -29.41
N LEU E 113 -23.47 37.72 -30.52
CA LEU E 113 -24.28 38.88 -30.85
C LEU E 113 -25.12 38.59 -32.10
N SER E 114 -26.39 38.97 -32.04
CA SER E 114 -27.31 38.75 -33.17
C SER E 114 -27.00 39.69 -34.34
N ASP E 115 -27.36 39.25 -35.55
CA ASP E 115 -27.11 40.03 -36.77
C ASP E 115 -27.58 41.48 -36.68
N THR E 116 -28.69 41.70 -35.99
CA THR E 116 -29.22 43.04 -35.88
C THR E 116 -28.36 43.93 -34.98
N VAL E 117 -27.70 43.35 -33.98
CA VAL E 117 -26.85 44.13 -33.10
C VAL E 117 -25.61 44.51 -33.90
N LYS E 119 -25.62 45.02 -37.06
CA LYS E 119 -26.01 46.02 -38.05
C LYS E 119 -26.05 47.41 -37.44
N ARG E 120 -26.50 47.51 -36.19
CA ARG E 120 -26.56 48.79 -35.51
C ARG E 120 -25.15 49.32 -35.24
N ALA E 121 -24.21 48.39 -35.13
CA ALA E 121 -22.81 48.69 -34.83
C ALA E 121 -22.17 49.62 -35.83
N ASP E 122 -21.52 50.67 -35.30
CA ASP E 122 -20.83 51.64 -36.13
C ASP E 122 -19.42 51.13 -36.41
N GLU E 123 -18.92 50.31 -35.48
CA GLU E 123 -17.59 49.73 -35.56
C GLU E 123 -17.52 48.35 -34.90
N LYS E 124 -16.84 47.40 -35.54
CA LYS E 124 -16.67 46.08 -34.96
C LYS E 124 -15.19 46.03 -34.55
N LEU E 125 -14.93 45.77 -33.27
CA LEU E 125 -13.57 45.74 -32.73
C LEU E 125 -13.15 44.37 -32.23
N SER E 126 -11.97 43.91 -32.64
CA SER E 126 -11.45 42.60 -32.23
C SER E 126 -10.25 42.75 -31.31
N PHE E 127 -10.14 41.86 -30.33
CA PHE E 127 -9.00 41.91 -29.42
C PHE E 127 -7.92 40.88 -29.71
N SER E 128 -8.22 39.92 -30.57
CA SER E 128 -7.26 38.87 -30.93
C SER E 128 -7.97 37.78 -31.71
N LYS E 129 -7.21 36.91 -32.35
CA LYS E 129 -7.80 35.82 -33.11
C LYS E 129 -8.29 34.78 -32.14
N THR E 131 -10.38 33.31 -28.80
CA THR E 131 -11.67 33.47 -28.12
C THR E 131 -11.47 33.61 -26.62
N PHE E 132 -11.95 34.71 -26.05
CA PHE E 132 -11.84 34.92 -24.61
C PHE E 132 -13.22 34.83 -23.97
N PRO E 133 -13.31 34.28 -22.74
CA PRO E 133 -14.63 34.17 -22.10
C PRO E 133 -15.16 35.59 -21.98
N HIS E 134 -16.44 35.79 -22.29
CA HIS E 134 -17.00 37.13 -22.22
C HIS E 134 -16.83 37.86 -20.88
N GLN E 135 -16.62 37.13 -19.78
CA GLN E 135 -16.44 37.79 -18.49
C GLN E 135 -15.05 38.43 -18.42
N LEU E 136 -14.05 37.67 -18.84
CA LEU E 136 -12.68 38.16 -18.85
C LEU E 136 -12.59 39.30 -19.86
N ARG E 138 -14.69 41.44 -20.39
CA ARG E 138 -15.17 42.64 -19.72
C ARG E 138 -14.00 43.38 -19.07
N LEU E 139 -13.14 42.63 -18.37
CA LEU E 139 -11.98 43.22 -17.70
C LEU E 139 -10.98 43.78 -18.68
N ILE E 140 -10.59 42.95 -19.65
CA ILE E 140 -9.65 43.36 -20.68
C ILE E 140 -10.09 44.66 -21.32
N LEU E 141 -11.38 44.82 -21.50
CA LEU E 141 -11.91 46.02 -22.12
C LEU E 141 -11.77 47.25 -21.23
N VAL E 142 -12.11 47.11 -19.94
CA VAL E 142 -11.99 48.24 -19.05
C VAL E 142 -10.54 48.72 -18.98
N GLU E 143 -9.63 47.75 -19.07
CA GLU E 143 -8.21 48.04 -19.04
C GLU E 143 -7.77 48.81 -20.29
N GLN E 144 -8.22 48.40 -21.47
CA GLN E 144 -7.81 49.11 -22.68
C GLN E 144 -8.31 50.52 -22.66
N ILE E 145 -9.57 50.69 -22.29
CA ILE E 145 -10.14 52.02 -22.22
C ILE E 145 -9.25 52.85 -21.31
N TYR E 146 -8.97 52.32 -20.13
CA TYR E 146 -8.12 53.06 -19.19
C TYR E 146 -6.79 53.40 -19.86
N ARG E 147 -6.18 52.40 -20.51
CA ARG E 147 -4.91 52.57 -21.19
C ARG E 147 -5.00 53.66 -22.26
N ALA E 148 -6.09 53.68 -23.00
CA ALA E 148 -6.29 54.65 -24.06
C ALA E 148 -6.28 56.10 -23.55
N PHE E 149 -7.09 56.37 -22.53
CA PHE E 149 -7.15 57.71 -21.98
C PHE E 149 -5.80 58.18 -21.48
N ARG E 150 -5.01 57.28 -20.92
CA ARG E 150 -3.70 57.65 -20.42
C ARG E 150 -2.80 57.96 -21.60
N ILE E 151 -3.04 57.30 -22.73
CA ILE E 151 -2.23 57.52 -23.92
C ILE E 151 -2.59 58.83 -24.62
N ASN E 152 -3.83 59.28 -24.44
CA ASN E 152 -4.28 60.52 -25.05
C ASN E 152 -4.04 61.71 -24.13
N ARG E 153 -4.09 61.47 -22.82
CA ARG E 153 -3.88 62.51 -21.83
C ARG E 153 -2.48 62.40 -21.23
N ASN F 2 4.10 18.34 -19.26
CA ASN F 2 4.44 19.23 -18.17
C ASN F 2 4.59 20.63 -18.76
N ILE F 3 3.83 21.57 -18.21
CA ILE F 3 3.87 22.94 -18.71
C ILE F 3 4.44 23.92 -17.68
N ASN F 4 5.37 24.75 -18.13
CA ASN F 4 5.98 25.76 -17.27
C ASN F 4 5.75 27.13 -17.86
N ILE F 5 5.45 28.11 -17.02
CA ILE F 5 5.27 29.47 -17.50
C ILE F 5 6.27 30.27 -16.70
N VAL F 6 7.31 30.77 -17.37
CA VAL F 6 8.34 31.57 -16.73
C VAL F 6 7.99 33.01 -17.02
N THR F 7 7.77 33.78 -15.97
CA THR F 7 7.38 35.17 -16.12
C THR F 7 8.22 36.13 -15.30
N ILE F 8 8.27 37.37 -15.79
CA ILE F 8 9.02 38.42 -15.12
C ILE F 8 8.03 39.25 -14.33
N GLY F 9 8.18 39.27 -13.01
CA GLY F 9 7.29 40.06 -12.18
C GLY F 9 6.55 39.24 -11.14
N LYS F 10 6.35 39.83 -9.97
CA LYS F 10 5.65 39.17 -8.87
C LYS F 10 4.17 39.50 -8.92
N LEU F 11 3.34 38.46 -8.93
CA LEU F 11 1.91 38.62 -8.98
C LEU F 11 1.46 39.19 -7.63
N LYS F 12 1.13 40.49 -7.60
CA LYS F 12 0.71 41.10 -6.36
C LYS F 12 -0.76 41.53 -6.37
N GLU F 13 -1.32 41.66 -7.57
CA GLU F 13 -2.72 42.06 -7.73
C GLU F 13 -3.69 41.09 -7.05
N LYS F 14 -4.32 41.57 -5.98
CA LYS F 14 -5.28 40.81 -5.19
C LYS F 14 -6.27 40.01 -6.04
N TYR F 15 -6.62 40.53 -7.21
CA TYR F 15 -7.56 39.85 -8.07
C TYR F 15 -6.92 38.86 -9.05
N LEU F 16 -5.80 39.25 -9.65
CA LEU F 16 -5.13 38.38 -10.61
C LEU F 16 -4.71 37.03 -10.01
N LYS F 17 -4.44 37.01 -8.71
CA LYS F 17 -4.02 35.77 -8.06
C LYS F 17 -5.15 34.75 -7.98
N GLN F 18 -6.30 35.17 -7.46
CA GLN F 18 -7.45 34.30 -7.33
C GLN F 18 -7.80 33.65 -8.66
N GLY F 19 -7.71 34.44 -9.73
CA GLY F 19 -8.03 33.91 -11.04
C GLY F 19 -7.04 32.84 -11.45
N ILE F 20 -5.79 33.23 -11.53
CA ILE F 20 -4.75 32.30 -11.92
C ILE F 20 -4.77 31.03 -11.08
N GLU F 21 -5.02 31.17 -9.78
CA GLU F 21 -5.06 29.99 -8.93
C GLU F 21 -6.19 29.07 -9.35
N GLU F 22 -7.34 29.65 -9.67
CA GLU F 22 -8.48 28.85 -10.06
C GLU F 22 -8.24 28.09 -11.36
N TYR F 23 -7.59 28.72 -12.33
CA TYR F 23 -7.35 28.06 -13.60
C TYR F 23 -6.26 27.00 -13.54
N THR F 24 -5.16 27.32 -12.88
CA THR F 24 -4.06 26.38 -12.77
C THR F 24 -4.54 25.11 -12.08
N LYS F 25 -5.52 25.25 -11.18
CA LYS F 25 -6.07 24.09 -10.49
C LYS F 25 -6.87 23.24 -11.47
N ARG F 26 -7.66 23.88 -12.33
CA ARG F 26 -8.45 23.17 -13.33
C ARG F 26 -7.52 22.54 -14.35
N LEU F 27 -6.43 23.23 -14.66
CA LEU F 27 -5.47 22.76 -15.62
C LEU F 27 -4.73 21.56 -15.05
N SER F 28 -4.61 21.52 -13.73
CA SER F 28 -3.92 20.41 -13.08
C SER F 28 -4.49 19.07 -13.52
N ALA F 29 -5.81 18.94 -13.55
CA ALA F 29 -6.42 17.69 -13.94
C ALA F 29 -6.14 17.30 -15.38
N TYR F 30 -5.53 18.21 -16.15
CA TYR F 30 -5.24 17.96 -17.55
C TYR F 30 -3.78 17.98 -17.92
N ALA F 31 -3.00 18.69 -17.12
CA ALA F 31 -1.56 18.81 -17.37
C ALA F 31 -0.86 19.28 -16.12
N LYS F 32 0.43 18.98 -16.00
CA LYS F 32 1.18 19.43 -14.84
C LYS F 32 1.59 20.88 -15.13
N ILE F 33 1.21 21.79 -14.24
CA ILE F 33 1.53 23.20 -14.42
C ILE F 33 2.47 23.71 -13.37
N ASP F 34 3.25 24.71 -13.73
CA ASP F 34 4.20 25.31 -12.80
C ASP F 34 4.57 26.68 -13.31
N ILE F 35 4.11 27.70 -12.59
CA ILE F 35 4.41 29.07 -12.96
C ILE F 35 5.62 29.50 -12.14
N ILE F 36 6.67 29.92 -12.83
CA ILE F 36 7.89 30.35 -12.17
C ILE F 36 7.99 31.86 -12.25
N GLU F 37 7.89 32.52 -11.09
CA GLU F 37 7.96 33.99 -11.06
C GLU F 37 9.39 34.48 -10.82
N LEU F 38 9.87 35.36 -11.69
CA LEU F 38 11.21 35.92 -11.56
C LEU F 38 11.14 37.39 -11.20
N PRO F 39 11.79 37.78 -10.08
CA PRO F 39 11.79 39.18 -9.63
C PRO F 39 11.79 40.17 -10.78
N ASP F 40 10.83 41.10 -10.73
CA ASP F 40 10.65 42.12 -11.75
C ASP F 40 11.87 43.03 -11.86
N LYS F 53 17.88 47.91 -21.45
CA LYS F 53 18.43 46.97 -22.42
C LYS F 53 19.50 46.11 -21.74
N ILE F 54 20.24 46.72 -20.82
CA ILE F 54 21.28 46.01 -20.10
C ILE F 54 20.61 45.11 -19.08
N ILE F 55 19.36 45.43 -18.76
CA ILE F 55 18.62 44.65 -17.78
C ILE F 55 17.79 43.56 -18.44
N LYS F 56 17.24 43.83 -19.62
CA LYS F 56 16.44 42.84 -20.32
C LYS F 56 17.32 41.64 -20.65
N ASP F 57 18.59 41.92 -20.93
CA ASP F 57 19.54 40.85 -21.24
C ASP F 57 19.95 40.17 -19.95
N LYS F 58 19.71 40.86 -18.83
CA LYS F 58 20.05 40.32 -17.52
C LYS F 58 18.94 39.38 -17.07
N GLU F 59 17.69 39.80 -17.22
CA GLU F 59 16.57 38.97 -16.81
C GLU F 59 16.27 37.92 -17.88
N GLY F 60 16.73 38.18 -19.11
CA GLY F 60 16.52 37.21 -20.17
C GLY F 60 17.34 35.98 -19.82
N ASP F 61 18.54 36.22 -19.30
CA ASP F 61 19.43 35.14 -18.89
C ASP F 61 18.88 34.46 -17.65
N ARG F 62 18.17 35.23 -16.84
CA ARG F 62 17.56 34.70 -15.62
C ARG F 62 16.44 33.76 -16.05
N ILE F 63 15.92 34.01 -17.24
CA ILE F 63 14.85 33.20 -17.80
C ILE F 63 15.45 31.93 -18.36
N LEU F 64 16.47 32.10 -19.20
CA LEU F 64 17.13 30.98 -19.85
C LEU F 64 17.68 29.94 -18.87
N SER F 65 17.95 30.38 -17.65
CA SER F 65 18.46 29.50 -16.60
C SER F 65 17.36 28.56 -16.14
N LYS F 66 16.15 28.86 -16.56
CA LYS F 66 14.99 28.07 -16.17
C LYS F 66 14.58 27.07 -17.23
N ILE F 67 15.08 27.25 -18.45
CA ILE F 67 14.72 26.39 -19.56
C ILE F 67 15.61 25.16 -19.83
N SER F 68 14.99 23.98 -19.93
CA SER F 68 15.77 22.79 -20.26
C SER F 68 15.77 22.64 -21.80
N PRO F 69 16.79 21.97 -22.35
CA PRO F 69 16.94 21.75 -23.78
C PRO F 69 15.82 20.90 -24.36
N ASP F 70 15.17 20.11 -23.52
CA ASP F 70 14.08 19.24 -23.96
C ASP F 70 12.81 20.05 -24.15
N ALA F 71 12.66 21.10 -23.35
CA ALA F 71 11.47 21.92 -23.45
C ALA F 71 11.29 22.65 -24.78
N HIS F 72 10.03 22.71 -25.21
CA HIS F 72 9.67 23.42 -26.42
C HIS F 72 9.25 24.81 -25.89
N VAL F 73 10.01 25.84 -26.24
CA VAL F 73 9.79 27.20 -25.78
C VAL F 73 8.88 28.05 -26.66
N ILE F 74 7.87 28.64 -26.04
CA ILE F 74 6.94 29.50 -26.72
C ILE F 74 7.07 30.87 -26.07
N ALA F 75 7.64 31.80 -26.81
CA ALA F 75 7.82 33.12 -26.27
C ALA F 75 6.61 33.95 -26.67
N LEU F 76 6.07 34.68 -25.70
CA LEU F 76 4.95 35.56 -25.97
C LEU F 76 5.57 36.83 -26.51
N ALA F 77 5.26 37.18 -27.76
CA ALA F 77 5.84 38.40 -28.34
C ALA F 77 4.84 39.04 -29.29
N ILE F 78 4.81 40.37 -29.31
CA ILE F 78 3.88 41.07 -30.20
C ILE F 78 4.22 40.78 -31.66
N GLU F 79 5.48 40.50 -31.92
CA GLU F 79 5.95 40.19 -33.26
C GLU F 79 5.65 38.73 -33.58
N GLY F 80 5.15 38.02 -32.58
CA GLY F 80 4.86 36.61 -32.77
C GLY F 80 3.73 36.33 -33.72
N LYS F 81 3.43 35.04 -33.87
CA LYS F 81 2.37 34.58 -34.75
C LYS F 81 1.07 34.65 -33.97
N LYS F 83 -2.62 33.22 -33.32
CA LYS F 83 -3.34 32.00 -33.53
C LYS F 83 -4.77 32.01 -32.98
N THR F 84 -5.63 31.23 -33.61
CA THR F 84 -6.98 31.12 -33.10
C THR F 84 -6.83 30.10 -31.97
N SER F 85 -7.83 30.00 -31.13
CA SER F 85 -7.76 29.08 -30.01
C SER F 85 -7.64 27.64 -30.50
N GLU F 86 -8.18 27.38 -31.69
CA GLU F 86 -8.15 26.06 -32.32
C GLU F 86 -6.71 25.72 -32.67
N GLU F 87 -6.04 26.67 -33.31
CA GLU F 87 -4.67 26.48 -33.69
C GLU F 87 -3.76 26.26 -32.48
N LEU F 88 -4.03 26.97 -31.38
CA LEU F 88 -3.21 26.80 -30.19
C LEU F 88 -3.47 25.37 -29.67
N ALA F 89 -4.73 24.94 -29.77
CA ALA F 89 -5.13 23.60 -29.35
C ALA F 89 -4.42 22.58 -30.22
N ASP F 90 -4.28 22.92 -31.50
CA ASP F 90 -3.62 22.05 -32.43
C ASP F 90 -2.11 21.96 -32.15
N THR F 91 -1.47 23.06 -31.76
CA THR F 91 -0.04 22.96 -31.50
C THR F 91 0.20 22.24 -30.17
N ILE F 92 -0.75 22.35 -29.25
CA ILE F 92 -0.61 21.66 -27.98
C ILE F 92 -0.83 20.16 -28.23
N ASP F 93 -1.67 19.83 -29.19
CA ASP F 93 -1.95 18.44 -29.52
C ASP F 93 -0.72 17.76 -30.12
N LYS F 94 -0.20 18.33 -31.20
CA LYS F 94 0.98 17.78 -31.86
C LYS F 94 2.15 17.61 -30.88
N LEU F 95 2.33 18.57 -29.98
CA LEU F 95 3.41 18.53 -29.00
C LEU F 95 3.19 17.43 -28.01
N ALA F 96 1.99 16.86 -28.04
CA ALA F 96 1.62 15.79 -27.12
C ALA F 96 1.75 14.44 -27.82
N THR F 97 2.09 14.47 -29.10
CA THR F 97 2.21 13.24 -29.86
C THR F 97 3.00 12.11 -29.21
N TYR F 98 4.19 12.40 -28.70
CA TYR F 98 5.05 11.37 -28.10
C TYR F 98 5.00 11.13 -26.60
N GLY F 99 4.16 11.84 -25.87
CA GLY F 99 4.03 11.60 -24.45
C GLY F 99 4.86 12.34 -23.42
N LYS F 100 6.18 12.19 -23.45
CA LYS F 100 7.03 12.87 -22.46
C LYS F 100 7.34 14.29 -22.89
N SER F 101 6.30 15.07 -23.14
CA SER F 101 6.44 16.44 -23.59
C SER F 101 6.59 17.48 -22.47
N LYS F 102 7.47 18.44 -22.71
CA LYS F 102 7.71 19.52 -21.77
C LYS F 102 7.60 20.82 -22.58
N VAL F 103 6.66 21.67 -22.18
CA VAL F 103 6.42 22.93 -22.86
C VAL F 103 6.62 24.12 -21.93
N THR F 104 7.37 25.11 -22.41
CA THR F 104 7.62 26.30 -21.59
C THR F 104 7.12 27.56 -22.30
N PHE F 105 6.28 28.33 -21.60
CA PHE F 105 5.79 29.61 -22.12
C PHE F 105 6.61 30.66 -21.38
N VAL F 106 7.05 31.71 -22.07
CA VAL F 106 7.85 32.75 -21.43
C VAL F 106 7.18 34.11 -21.61
N ILE F 107 6.96 34.81 -20.52
CA ILE F 107 6.33 36.13 -20.62
C ILE F 107 7.31 37.13 -20.04
N GLY F 108 7.82 38.03 -20.90
CA GLY F 108 8.76 39.04 -20.44
C GLY F 108 8.13 40.21 -19.69
N GLY F 109 8.96 41.19 -19.33
CA GLY F 109 8.47 42.36 -18.60
C GLY F 109 8.10 43.47 -19.56
N SER F 110 7.89 44.67 -19.02
CA SER F 110 7.54 45.82 -19.85
C SER F 110 8.61 46.07 -20.90
N LEU F 111 9.81 45.57 -20.64
CA LEU F 111 10.95 45.76 -21.55
C LEU F 111 10.90 44.93 -22.82
N GLY F 112 10.45 43.69 -22.71
CA GLY F 112 10.40 42.82 -23.86
C GLY F 112 11.49 41.78 -23.71
N LEU F 113 11.34 40.65 -24.39
CA LEU F 113 12.31 39.57 -24.30
C LEU F 113 13.64 39.86 -25.00
N SER F 114 14.73 39.52 -24.31
CA SER F 114 16.07 39.74 -24.83
C SER F 114 16.24 38.94 -26.10
N ASP F 115 17.23 39.33 -26.89
CA ASP F 115 17.54 38.68 -28.16
C ASP F 115 17.94 37.24 -27.98
N THR F 116 18.53 36.93 -26.84
CA THR F 116 18.98 35.58 -26.55
C THR F 116 17.84 34.64 -26.22
N VAL F 117 16.70 35.22 -25.83
CA VAL F 117 15.52 34.44 -25.51
C VAL F 117 14.84 34.13 -26.83
N LYS F 119 16.29 33.68 -29.47
CA LYS F 119 17.10 32.72 -30.19
C LYS F 119 16.73 31.32 -29.71
N ARG F 120 16.53 31.20 -28.40
CA ARG F 120 16.18 29.94 -27.80
C ARG F 120 14.77 29.53 -28.15
N ALA F 121 13.87 30.50 -28.25
CA ALA F 121 12.47 30.22 -28.54
C ALA F 121 12.22 29.42 -29.81
N ASP F 122 11.58 28.26 -29.66
CA ASP F 122 11.25 27.42 -30.79
C ASP F 122 10.13 28.05 -31.62
N GLU F 123 9.35 28.93 -31.00
CA GLU F 123 8.31 29.63 -31.71
C GLU F 123 7.81 30.81 -30.88
N LYS F 124 7.44 31.89 -31.56
CA LYS F 124 6.96 33.11 -30.90
C LYS F 124 5.46 33.23 -31.05
N LEU F 125 4.78 33.63 -29.99
CA LEU F 125 3.32 33.74 -29.99
C LEU F 125 2.81 35.13 -29.61
N SER F 126 1.82 35.59 -30.36
CA SER F 126 1.23 36.89 -30.08
C SER F 126 -0.26 36.73 -29.77
N PHE F 127 -0.68 37.30 -28.66
CA PHE F 127 -2.08 37.19 -28.27
C PHE F 127 -2.93 38.36 -28.75
N SER F 128 -2.32 39.46 -29.16
CA SER F 128 -3.11 40.60 -29.61
C SER F 128 -2.27 41.73 -30.15
N LYS F 129 -2.88 42.60 -30.95
CA LYS F 129 -2.16 43.75 -31.46
C LYS F 129 -2.18 44.82 -30.38
N THR F 131 -1.72 46.21 -26.40
CA THR F 131 -0.72 46.02 -25.36
C THR F 131 -1.39 45.63 -24.05
N PHE F 132 -1.04 44.46 -23.53
CA PHE F 132 -1.65 44.02 -22.28
C PHE F 132 -0.67 43.98 -21.15
N PRO F 133 -1.10 44.37 -19.95
CA PRO F 133 -0.16 44.31 -18.84
C PRO F 133 0.26 42.82 -18.71
N HIS F 134 1.53 42.58 -18.40
CA HIS F 134 2.05 41.23 -18.26
C HIS F 134 1.32 40.48 -17.15
N GLN F 135 0.95 41.20 -16.10
CA GLN F 135 0.24 40.59 -14.99
C GLN F 135 -1.08 40.00 -15.46
N LEU F 136 -1.72 40.67 -16.41
CA LEU F 136 -2.99 40.21 -16.93
C LEU F 136 -2.75 39.21 -18.07
N ARG F 138 -0.65 36.83 -18.02
CA ARG F 138 -0.52 35.52 -17.39
C ARG F 138 -1.85 34.79 -17.21
N LEU F 139 -2.88 35.55 -16.83
CA LEU F 139 -4.21 34.98 -16.64
C LEU F 139 -4.80 34.55 -17.98
N ILE F 140 -4.63 35.38 -19.00
CA ILE F 140 -5.15 35.06 -20.30
C ILE F 140 -4.52 33.76 -20.79
N LEU F 141 -3.20 33.67 -20.67
CA LEU F 141 -2.47 32.50 -21.10
C LEU F 141 -2.98 31.25 -20.38
N VAL F 142 -3.16 31.33 -19.08
CA VAL F 142 -3.63 30.14 -18.37
C VAL F 142 -5.05 29.79 -18.77
N GLU F 143 -5.85 30.79 -19.07
CA GLU F 143 -7.22 30.51 -19.48
C GLU F 143 -7.20 29.83 -20.85
N GLN F 144 -6.34 30.29 -21.76
CA GLN F 144 -6.23 29.70 -23.11
C GLN F 144 -5.66 28.29 -23.09
N ILE F 145 -4.69 28.04 -22.23
CA ILE F 145 -4.13 26.69 -22.17
C ILE F 145 -5.20 25.69 -21.75
N TYR F 146 -6.10 26.10 -20.87
CA TYR F 146 -7.17 25.23 -20.42
C TYR F 146 -8.22 25.04 -21.51
N ARG F 147 -8.50 26.14 -22.18
CA ARG F 147 -9.47 26.15 -23.25
C ARG F 147 -8.98 25.21 -24.34
N ALA F 148 -7.67 25.17 -24.53
CA ALA F 148 -7.07 24.32 -25.53
C ALA F 148 -7.26 22.84 -25.21
N PHE F 149 -6.97 22.47 -23.97
CA PHE F 149 -7.15 21.08 -23.58
C PHE F 149 -8.60 20.68 -23.75
N ARG F 150 -9.50 21.60 -23.42
CA ARG F 150 -10.92 21.31 -23.55
C ARG F 150 -11.30 21.15 -25.01
N ILE F 151 -10.66 21.91 -25.89
CA ILE F 151 -10.95 21.81 -27.31
C ILE F 151 -10.46 20.47 -27.85
N ASN F 152 -9.39 19.95 -27.28
CA ASN F 152 -8.84 18.68 -27.72
C ASN F 152 -9.61 17.48 -27.18
N ARG F 153 -10.50 17.70 -26.22
CA ARG F 153 -11.30 16.62 -25.67
C ARG F 153 -12.65 16.61 -26.40
N GLY F 154 -13.58 17.45 -25.95
CA GLY F 154 -14.88 17.53 -26.56
C GLY F 154 -14.83 18.04 -28.00
N ASN G 2 -9.62 -16.11 39.63
CA ASN G 2 -10.11 -15.52 40.86
C ASN G 2 -11.45 -14.81 40.71
N ILE G 3 -12.35 -15.18 41.61
CA ILE G 3 -13.71 -14.67 41.60
C ILE G 3 -14.03 -13.79 42.80
N ASN G 4 -14.55 -12.60 42.49
CA ASN G 4 -14.94 -11.63 43.49
C ASN G 4 -16.45 -11.43 43.45
N ILE G 5 -17.07 -11.30 44.61
CA ILE G 5 -18.48 -11.04 44.65
C ILE G 5 -18.59 -9.74 45.40
N VAL G 6 -19.08 -8.71 44.71
CA VAL G 6 -19.25 -7.38 45.26
C VAL G 6 -20.72 -7.17 45.63
N THR G 7 -21.01 -7.05 46.92
CA THR G 7 -22.38 -6.87 47.38
C THR G 7 -22.62 -5.67 48.30
N ILE G 8 -23.84 -5.17 48.27
CA ILE G 8 -24.24 -4.05 49.11
C ILE G 8 -24.93 -4.58 50.37
N GLY G 9 -24.45 -4.13 51.53
CA GLY G 9 -25.01 -4.59 52.80
C GLY G 9 -24.09 -5.57 53.47
N LYS G 10 -24.30 -5.80 54.76
CA LYS G 10 -23.48 -6.75 55.51
C LYS G 10 -24.37 -7.94 55.86
N LEU G 11 -23.90 -9.15 55.55
CA LEU G 11 -24.69 -10.33 55.85
C LEU G 11 -24.93 -10.37 57.37
N LYS G 12 -26.19 -10.29 57.76
CA LYS G 12 -26.56 -10.30 59.17
C LYS G 12 -26.75 -11.68 59.78
N GLU G 13 -27.71 -12.43 59.26
CA GLU G 13 -28.01 -13.77 59.77
C GLU G 13 -26.78 -14.66 59.92
N LYS G 14 -26.54 -15.12 61.14
CA LYS G 14 -25.39 -15.98 61.43
C LYS G 14 -25.44 -17.25 60.61
N TYR G 15 -26.61 -17.86 60.50
CA TYR G 15 -26.72 -19.09 59.74
C TYR G 15 -26.34 -18.93 58.26
N LEU G 16 -26.71 -17.81 57.64
CA LEU G 16 -26.34 -17.60 56.24
C LEU G 16 -24.84 -17.43 56.12
N LYS G 17 -24.25 -16.74 57.08
CA LYS G 17 -22.83 -16.49 57.07
C LYS G 17 -22.04 -17.79 57.01
N GLN G 18 -22.55 -18.81 57.70
CA GLN G 18 -21.92 -20.12 57.74
C GLN G 18 -22.29 -20.93 56.51
N GLY G 19 -23.43 -20.60 55.91
CA GLY G 19 -23.82 -21.27 54.69
C GLY G 19 -22.78 -20.84 53.67
N ILE G 20 -22.58 -19.54 53.55
CA ILE G 20 -21.58 -19.02 52.62
C ILE G 20 -20.20 -19.64 52.89
N GLU G 21 -19.78 -19.65 54.16
CA GLU G 21 -18.49 -20.20 54.54
C GLU G 21 -18.33 -21.68 54.17
N GLU G 22 -19.44 -22.42 54.23
CA GLU G 22 -19.43 -23.84 53.91
C GLU G 22 -19.09 -24.11 52.43
N TYR G 23 -19.43 -23.16 51.57
CA TYR G 23 -19.18 -23.27 50.14
C TYR G 23 -17.90 -22.57 49.77
N THR G 24 -17.58 -21.52 50.50
CA THR G 24 -16.39 -20.77 50.25
C THR G 24 -15.13 -21.59 50.55
N LYS G 25 -15.16 -22.37 51.62
CA LYS G 25 -14.02 -23.19 51.98
C LYS G 25 -13.77 -24.28 50.94
N ARG G 26 -14.84 -24.75 50.31
CA ARG G 26 -14.71 -25.78 49.30
C ARG G 26 -14.35 -25.21 47.94
N LEU G 27 -14.89 -24.04 47.63
CA LEU G 27 -14.61 -23.36 46.37
C LEU G 27 -13.15 -22.90 46.35
N SER G 28 -12.58 -22.72 47.54
CA SER G 28 -11.20 -22.25 47.66
C SER G 28 -10.15 -23.16 47.05
N ALA G 29 -10.47 -24.43 46.89
CA ALA G 29 -9.51 -25.35 46.31
C ALA G 29 -9.51 -25.29 44.78
N TYR G 30 -10.60 -24.75 44.21
CA TYR G 30 -10.79 -24.62 42.77
C TYR G 30 -10.38 -23.27 42.22
N ALA G 31 -10.49 -22.23 43.04
CA ALA G 31 -10.12 -20.89 42.63
C ALA G 31 -10.16 -20.04 43.87
N LYS G 32 -9.60 -18.84 43.78
CA LYS G 32 -9.61 -17.94 44.92
C LYS G 32 -10.94 -17.21 44.87
N ILE G 33 -11.62 -17.13 46.01
CA ILE G 33 -12.88 -16.44 46.01
C ILE G 33 -12.94 -15.48 47.19
N ASP G 34 -13.28 -14.22 46.87
CA ASP G 34 -13.37 -13.20 47.89
C ASP G 34 -14.66 -12.42 47.75
N ILE G 35 -15.32 -12.19 48.88
CA ILE G 35 -16.57 -11.45 48.88
C ILE G 35 -16.32 -10.07 49.46
N ILE G 36 -16.64 -9.06 48.66
CA ILE G 36 -16.47 -7.67 49.08
C ILE G 36 -17.80 -7.10 49.54
N GLU G 37 -17.88 -6.70 50.80
CA GLU G 37 -19.09 -6.11 51.36
C GLU G 37 -18.98 -4.60 51.38
N LEU G 38 -19.99 -3.93 50.88
CA LEU G 38 -19.99 -2.46 50.86
C LEU G 38 -21.00 -1.90 51.85
N PRO G 39 -20.71 -0.72 52.44
CA PRO G 39 -21.65 -0.13 53.38
C PRO G 39 -22.79 0.46 52.58
N ASP G 40 -24.03 0.25 53.01
CA ASP G 40 -25.16 0.81 52.29
C ASP G 40 -25.57 2.14 52.91
N GLU G 41 -26.77 2.61 52.58
CA GLU G 41 -27.27 3.87 53.10
C GLU G 41 -28.52 3.64 53.96
N ASP G 51 -35.76 10.70 43.74
CA ASP G 51 -34.57 11.00 44.53
C ASP G 51 -33.83 9.71 44.90
N LYS G 53 -32.99 7.56 42.58
CA LYS G 53 -32.06 7.43 41.47
C LYS G 53 -30.91 8.43 41.64
N ILE G 54 -30.49 8.61 42.88
CA ILE G 54 -29.41 9.53 43.23
C ILE G 54 -28.54 8.86 44.28
N ILE G 55 -29.19 8.21 45.24
CA ILE G 55 -28.50 7.52 46.30
C ILE G 55 -28.03 6.18 45.70
N LYS G 56 -28.65 5.80 44.60
CA LYS G 56 -28.32 4.57 43.90
C LYS G 56 -26.96 4.74 43.23
N ASP G 57 -26.66 5.96 42.79
CA ASP G 57 -25.40 6.26 42.13
C ASP G 57 -24.26 6.28 43.15
N LYS G 58 -24.62 6.61 44.39
CA LYS G 58 -23.65 6.68 45.48
C LYS G 58 -23.17 5.25 45.74
N GLU G 59 -24.05 4.27 45.53
CA GLU G 59 -23.66 2.89 45.72
C GLU G 59 -23.00 2.45 44.44
N GLY G 60 -23.56 2.92 43.32
CA GLY G 60 -23.04 2.58 42.02
C GLY G 60 -21.55 2.78 41.80
N ASP G 61 -21.01 3.89 42.30
CA ASP G 61 -19.60 4.15 42.15
C ASP G 61 -18.82 3.48 43.27
N ARG G 62 -19.54 3.10 44.32
CA ARG G 62 -18.94 2.42 45.45
C ARG G 62 -18.56 1.00 44.95
N ILE G 63 -19.36 0.49 44.02
CA ILE G 63 -19.13 -0.81 43.46
C ILE G 63 -18.05 -0.75 42.37
N LEU G 64 -18.12 0.26 41.52
CA LEU G 64 -17.14 0.45 40.46
C LEU G 64 -15.74 0.60 41.06
N SER G 65 -15.69 1.09 42.30
CA SER G 65 -14.42 1.29 42.97
C SER G 65 -13.76 -0.03 43.39
N LYS G 66 -14.50 -1.11 43.28
CA LYS G 66 -13.96 -2.43 43.63
C LYS G 66 -13.88 -3.30 42.37
N ILE G 67 -14.16 -2.72 41.21
CA ILE G 67 -14.14 -3.45 39.96
C ILE G 67 -12.89 -3.19 39.16
N SER G 68 -12.08 -4.23 38.96
CA SER G 68 -10.85 -4.08 38.21
C SER G 68 -11.11 -3.96 36.72
N PRO G 69 -10.26 -3.19 36.01
CA PRO G 69 -10.40 -2.98 34.57
C PRO G 69 -10.51 -4.26 33.74
N ASP G 70 -9.89 -5.34 34.19
CA ASP G 70 -9.94 -6.58 33.42
C ASP G 70 -10.75 -7.70 34.04
N ALA G 71 -11.74 -7.34 34.83
CA ALA G 71 -12.59 -8.33 35.44
C ALA G 71 -13.79 -8.49 34.54
N HIS G 72 -14.19 -9.72 34.27
CA HIS G 72 -15.38 -9.93 33.48
C HIS G 72 -16.48 -9.69 34.52
N VAL G 73 -17.36 -8.75 34.25
CA VAL G 73 -18.40 -8.44 35.23
C VAL G 73 -19.77 -8.98 34.90
N ILE G 74 -20.33 -9.67 35.88
CA ILE G 74 -21.67 -10.25 35.74
C ILE G 74 -22.57 -9.62 36.79
N ALA G 75 -23.52 -8.81 36.33
CA ALA G 75 -24.44 -8.14 37.24
C ALA G 75 -25.75 -8.92 37.37
N LEU G 76 -26.17 -9.20 38.60
CA LEU G 76 -27.42 -9.92 38.82
C LEU G 76 -28.58 -8.95 38.77
N ALA G 77 -29.38 -9.06 37.72
CA ALA G 77 -30.55 -8.18 37.54
C ALA G 77 -31.79 -8.96 37.11
N ILE G 78 -32.96 -8.36 37.33
CA ILE G 78 -34.22 -8.99 36.96
C ILE G 78 -34.33 -9.10 35.44
N GLU G 79 -33.86 -8.06 34.76
CA GLU G 79 -33.90 -8.04 33.31
C GLU G 79 -32.72 -8.80 32.73
N GLY G 80 -32.04 -9.57 33.59
CA GLY G 80 -30.89 -10.32 33.12
C GLY G 80 -31.33 -11.58 32.42
N LYS G 81 -30.37 -12.26 31.79
CA LYS G 81 -30.63 -13.50 31.08
C LYS G 81 -30.65 -14.66 32.07
N LYS G 83 -29.87 -18.10 32.94
CA LYS G 83 -29.02 -19.18 32.48
C LYS G 83 -29.14 -20.45 33.31
N THR G 84 -28.83 -21.57 32.69
CA THR G 84 -28.88 -22.86 33.36
C THR G 84 -27.54 -23.05 34.06
N SER G 85 -27.50 -23.98 35.01
CA SER G 85 -26.27 -24.24 35.74
C SER G 85 -25.21 -24.66 34.72
N GLU G 86 -25.63 -25.32 33.66
CA GLU G 86 -24.71 -25.77 32.63
C GLU G 86 -24.15 -24.57 31.84
N GLU G 87 -25.03 -23.65 31.46
CA GLU G 87 -24.61 -22.47 30.70
C GLU G 87 -23.64 -21.62 31.53
N LEU G 88 -24.01 -21.35 32.78
CA LEU G 88 -23.18 -20.56 33.67
C LEU G 88 -21.81 -21.21 33.83
N ALA G 89 -21.79 -22.54 33.85
CA ALA G 89 -20.53 -23.27 33.98
C ALA G 89 -19.74 -23.20 32.69
N ASP G 90 -20.45 -23.17 31.57
CA ASP G 90 -19.82 -23.10 30.27
C ASP G 90 -19.14 -21.73 30.15
N THR G 91 -19.88 -20.70 30.55
CA THR G 91 -19.41 -19.32 30.53
C THR G 91 -18.08 -19.17 31.27
N ILE G 92 -18.07 -19.59 32.52
CA ILE G 92 -16.89 -19.50 33.36
C ILE G 92 -15.75 -20.25 32.67
N ASP G 93 -16.09 -21.38 32.06
CA ASP G 93 -15.08 -22.16 31.39
C ASP G 93 -14.62 -21.45 30.13
N LYS G 94 -15.53 -20.75 29.48
CA LYS G 94 -15.18 -20.04 28.26
C LYS G 94 -14.20 -18.92 28.59
N LEU G 95 -14.41 -18.26 29.74
CA LEU G 95 -13.54 -17.16 30.16
C LEU G 95 -12.13 -17.68 30.47
N ALA G 96 -12.04 -18.84 31.09
CA ALA G 96 -10.72 -19.38 31.40
C ALA G 96 -9.94 -19.62 30.11
N THR G 97 -10.59 -20.22 29.13
CA THR G 97 -10.01 -20.50 27.83
C THR G 97 -9.33 -19.30 27.21
N TYR G 98 -9.97 -18.14 27.29
CA TYR G 98 -9.43 -16.91 26.71
C TYR G 98 -8.63 -16.06 27.68
N GLY G 99 -8.12 -16.69 28.74
CA GLY G 99 -7.32 -15.96 29.70
C GLY G 99 -7.96 -14.86 30.54
N LYS G 100 -9.29 -14.86 30.62
CA LYS G 100 -10.02 -13.89 31.41
C LYS G 100 -10.21 -14.56 32.77
N SER G 101 -9.12 -14.59 33.53
CA SER G 101 -9.06 -15.21 34.84
C SER G 101 -9.74 -14.53 36.01
N LYS G 102 -10.15 -13.28 35.85
CA LYS G 102 -10.84 -12.55 36.92
C LYS G 102 -12.30 -12.43 36.51
N VAL G 103 -13.20 -12.89 37.36
CA VAL G 103 -14.63 -12.81 37.12
C VAL G 103 -15.26 -12.18 38.35
N THR G 104 -15.99 -11.08 38.14
CA THR G 104 -16.62 -10.40 39.27
C THR G 104 -18.13 -10.36 39.13
N PHE G 105 -18.79 -10.85 40.18
CA PHE G 105 -20.24 -10.89 40.22
C PHE G 105 -20.66 -9.70 41.06
N VAL G 106 -21.72 -9.03 40.64
CA VAL G 106 -22.24 -7.87 41.37
C VAL G 106 -23.69 -8.06 41.86
N ILE G 107 -23.90 -7.93 43.16
CA ILE G 107 -25.24 -8.04 43.72
C ILE G 107 -25.68 -6.68 44.25
N GLY G 108 -26.61 -6.05 43.55
CA GLY G 108 -27.08 -4.74 43.95
C GLY G 108 -27.82 -4.69 45.26
N GLY G 109 -28.14 -3.46 45.68
CA GLY G 109 -28.86 -3.26 46.91
C GLY G 109 -30.35 -3.41 46.73
N SER G 110 -31.09 -2.93 47.71
CA SER G 110 -32.54 -2.99 47.69
C SER G 110 -33.07 -2.18 46.53
N LEU G 111 -32.43 -1.03 46.29
CA LEU G 111 -32.85 -0.14 45.22
C LEU G 111 -32.42 -0.54 43.81
N GLY G 112 -31.50 -1.50 43.71
CA GLY G 112 -31.04 -1.93 42.41
C GLY G 112 -29.67 -1.35 42.08
N LEU G 113 -29.20 -1.57 40.86
CA LEU G 113 -27.88 -1.09 40.43
C LEU G 113 -27.94 0.17 39.58
N SER G 114 -27.05 1.11 39.86
CA SER G 114 -27.03 2.35 39.10
C SER G 114 -26.80 2.12 37.61
N ASP G 115 -27.22 3.10 36.82
CA ASP G 115 -27.11 3.05 35.38
C ASP G 115 -25.65 2.85 34.98
N THR G 116 -24.74 3.41 35.77
CA THR G 116 -23.31 3.28 35.46
C THR G 116 -22.76 1.87 35.72
N VAL G 117 -23.20 1.22 36.79
CA VAL G 117 -22.73 -0.13 37.05
C VAL G 117 -23.23 -0.99 35.89
N LYS G 119 -23.67 -0.34 33.03
CA LYS G 119 -22.94 -0.06 31.81
C LYS G 119 -21.59 -0.76 31.79
N ARG G 120 -20.97 -0.88 32.96
CA ARG G 120 -19.69 -1.55 33.03
C ARG G 120 -19.89 -3.04 32.91
N ALA G 121 -21.05 -3.53 33.34
CA ALA G 121 -21.33 -4.95 33.31
C ALA G 121 -21.09 -5.54 31.96
N ASP G 122 -20.49 -6.73 31.93
CA ASP G 122 -20.23 -7.40 30.67
C ASP G 122 -21.43 -8.27 30.36
N GLU G 123 -22.21 -8.57 31.38
CA GLU G 123 -23.41 -9.36 31.20
C GLU G 123 -24.33 -9.30 32.41
N LYS G 124 -25.63 -9.53 32.16
CA LYS G 124 -26.62 -9.50 33.23
C LYS G 124 -27.14 -10.92 33.43
N LEU G 125 -27.20 -11.34 34.68
CA LEU G 125 -27.66 -12.68 35.00
C LEU G 125 -28.87 -12.58 35.89
N SER G 126 -29.89 -13.39 35.60
CA SER G 126 -31.11 -13.41 36.39
C SER G 126 -31.28 -14.80 36.98
N PHE G 127 -31.43 -14.85 38.30
CA PHE G 127 -31.60 -16.12 38.97
C PHE G 127 -33.05 -16.67 38.97
N SER G 128 -34.05 -15.79 38.92
CA SER G 128 -35.45 -16.23 38.91
C SER G 128 -36.43 -15.09 38.63
N LYS G 129 -37.67 -15.44 38.34
CA LYS G 129 -38.69 -14.43 38.11
C LYS G 129 -39.27 -14.06 39.46
N THR G 131 -38.59 -12.88 43.60
CA THR G 131 -37.73 -11.95 44.29
C THR G 131 -37.12 -12.63 45.51
N PHE G 132 -35.79 -12.66 45.56
CA PHE G 132 -35.10 -13.28 46.69
C PHE G 132 -34.41 -12.18 47.50
N PRO G 133 -34.40 -12.27 48.84
CA PRO G 133 -33.70 -11.20 49.56
C PRO G 133 -32.22 -11.27 49.15
N HIS G 134 -31.56 -10.13 49.05
CA HIS G 134 -30.16 -10.11 48.63
C HIS G 134 -29.23 -11.03 49.41
N GLN G 135 -29.44 -11.13 50.72
CA GLN G 135 -28.59 -11.98 51.55
C GLN G 135 -28.65 -13.45 51.10
N LEU G 136 -29.86 -13.91 50.81
CA LEU G 136 -30.09 -15.27 50.36
C LEU G 136 -29.48 -15.46 48.98
N ARG G 138 -26.84 -14.08 47.83
CA ARG G 138 -25.40 -14.25 48.00
C ARG G 138 -25.07 -15.72 48.22
N LEU G 139 -25.78 -16.32 49.17
CA LEU G 139 -25.57 -17.71 49.49
C LEU G 139 -25.92 -18.58 48.29
N ILE G 140 -26.96 -18.22 47.55
CA ILE G 140 -27.32 -18.98 46.36
C ILE G 140 -26.25 -18.88 45.26
N LEU G 141 -25.83 -17.66 44.94
CA LEU G 141 -24.80 -17.43 43.91
C LEU G 141 -23.49 -18.21 44.17
N VAL G 142 -23.03 -18.20 45.42
CA VAL G 142 -21.82 -18.92 45.81
C VAL G 142 -21.96 -20.41 45.55
N GLU G 143 -23.04 -21.03 45.99
CA GLU G 143 -23.20 -22.46 45.76
C GLU G 143 -23.21 -22.71 44.26
N GLN G 144 -23.86 -21.81 43.52
CA GLN G 144 -23.95 -21.94 42.08
C GLN G 144 -22.55 -21.88 41.47
N ILE G 145 -21.67 -21.04 42.02
CA ILE G 145 -20.33 -20.95 41.50
C ILE G 145 -19.55 -22.21 41.82
N TYR G 146 -19.79 -22.73 43.04
CA TYR G 146 -19.15 -23.97 43.51
C TYR G 146 -19.55 -25.05 42.53
N ARG G 147 -20.84 -25.07 42.20
CA ARG G 147 -21.38 -26.06 41.28
C ARG G 147 -20.73 -25.93 39.90
N ALA G 148 -20.63 -24.71 39.40
CA ALA G 148 -20.04 -24.45 38.09
C ALA G 148 -18.64 -25.06 37.96
N PHE G 149 -17.85 -24.98 39.01
CA PHE G 149 -16.51 -25.53 38.95
C PHE G 149 -16.52 -27.03 39.01
N ARG G 150 -17.47 -27.60 39.75
CA ARG G 150 -17.51 -29.06 39.84
C ARG G 150 -17.91 -29.64 38.50
N ILE G 151 -18.75 -28.90 37.79
CA ILE G 151 -19.18 -29.32 36.47
C ILE G 151 -17.99 -29.27 35.53
N ASN G 152 -17.20 -28.19 35.64
CA ASN G 152 -16.06 -28.04 34.76
C ASN G 152 -14.92 -28.97 35.07
N ARG G 153 -14.71 -29.27 36.35
CA ARG G 153 -13.62 -30.16 36.72
C ARG G 153 -14.02 -31.62 36.49
N GLY G 154 -15.10 -31.83 35.74
CA GLY G 154 -15.55 -33.19 35.49
C GLY G 154 -15.76 -34.02 36.75
N GLU G 155 -16.30 -33.38 37.79
CA GLU G 155 -16.58 -34.06 39.05
C GLU G 155 -18.09 -34.23 39.24
N PRO G 156 -18.54 -35.43 39.61
CA PRO G 156 -19.97 -35.70 39.81
C PRO G 156 -20.56 -34.86 40.96
N TYR G 157 -21.67 -34.18 40.67
CA TYR G 157 -22.32 -33.33 41.67
C TYR G 157 -23.56 -32.65 41.10
N ASN H 2 -53.43 -25.19 55.82
CA ASN H 2 -52.64 -26.37 56.15
C ASN H 2 -51.63 -26.57 55.03
N ILE H 3 -50.41 -26.10 55.26
CA ILE H 3 -49.34 -26.23 54.28
C ILE H 3 -48.32 -27.28 54.67
N ASN H 4 -48.17 -28.28 53.81
CA ASN H 4 -47.20 -29.34 54.05
C ASN H 4 -46.09 -29.24 53.03
N ILE H 5 -44.91 -29.72 53.40
CA ILE H 5 -43.80 -29.75 52.47
C ILE H 5 -43.22 -31.14 52.63
N VAL H 6 -43.43 -32.00 51.66
CA VAL H 6 -42.90 -33.35 51.72
C VAL H 6 -41.58 -33.34 50.95
N THR H 7 -40.48 -33.61 51.66
CA THR H 7 -39.16 -33.58 51.05
C THR H 7 -38.34 -34.84 51.23
N ILE H 8 -37.23 -34.92 50.50
CA ILE H 8 -36.34 -36.06 50.57
C ILE H 8 -35.11 -35.76 51.44
N GLY H 9 -34.82 -36.66 52.38
CA GLY H 9 -33.65 -36.48 53.23
C GLY H 9 -33.80 -35.55 54.42
N LYS H 10 -33.25 -35.98 55.55
CA LYS H 10 -33.29 -35.17 56.76
C LYS H 10 -32.23 -34.11 56.58
N LEU H 11 -32.49 -32.91 57.10
CA LEU H 11 -31.52 -31.82 56.98
C LEU H 11 -30.30 -32.11 57.84
N LYS H 12 -29.18 -32.37 57.18
CA LYS H 12 -27.94 -32.65 57.89
C LYS H 12 -27.35 -31.34 58.41
N GLU H 13 -26.90 -30.49 57.49
CA GLU H 13 -26.34 -29.20 57.85
C GLU H 13 -27.35 -28.46 58.73
N LYS H 14 -26.86 -27.74 59.74
CA LYS H 14 -27.78 -27.04 60.64
C LYS H 14 -28.07 -25.57 60.32
N TYR H 15 -27.19 -24.91 59.57
CA TYR H 15 -27.45 -23.51 59.27
C TYR H 15 -28.76 -23.46 58.51
N LEU H 16 -28.98 -24.48 57.68
CA LEU H 16 -30.22 -24.60 56.92
C LEU H 16 -31.36 -24.92 57.88
N LYS H 17 -31.05 -25.67 58.94
CA LYS H 17 -32.03 -26.05 59.94
C LYS H 17 -32.64 -24.81 60.60
N GLN H 18 -31.78 -23.92 61.08
CA GLN H 18 -32.26 -22.72 61.75
C GLN H 18 -32.76 -21.63 60.81
N GLY H 19 -32.36 -21.67 59.55
CA GLY H 19 -32.83 -20.66 58.62
C GLY H 19 -34.30 -20.91 58.35
N ILE H 20 -34.62 -22.18 58.14
CA ILE H 20 -35.98 -22.58 57.88
C ILE H 20 -36.89 -22.25 59.06
N GLU H 21 -36.41 -22.53 60.27
CA GLU H 21 -37.21 -22.25 61.45
C GLU H 21 -37.44 -20.76 61.58
N GLU H 22 -36.44 -19.99 61.15
CA GLU H 22 -36.54 -18.54 61.20
C GLU H 22 -37.82 -18.11 60.51
N TYR H 23 -38.09 -18.73 59.37
CA TYR H 23 -39.28 -18.42 58.58
C TYR H 23 -40.50 -19.21 59.00
N THR H 24 -40.31 -20.49 59.26
CA THR H 24 -41.41 -21.34 59.69
C THR H 24 -42.10 -20.74 60.93
N LYS H 25 -41.34 -20.00 61.73
CA LYS H 25 -41.85 -19.37 62.95
C LYS H 25 -42.82 -18.24 62.64
N ARG H 26 -42.33 -17.22 61.95
CA ARG H 26 -43.16 -16.08 61.61
C ARG H 26 -44.35 -16.51 60.77
N LEU H 27 -44.17 -17.56 59.99
CA LEU H 27 -45.22 -18.09 59.10
C LEU H 27 -46.36 -18.77 59.86
N SER H 28 -46.03 -19.51 60.92
CA SER H 28 -47.04 -20.21 61.71
C SER H 28 -48.11 -19.28 62.29
N ALA H 29 -47.88 -17.97 62.15
CA ALA H 29 -48.83 -17.00 62.66
C ALA H 29 -49.90 -16.69 61.63
N TYR H 30 -49.79 -17.30 60.45
CA TYR H 30 -50.76 -17.10 59.39
C TYR H 30 -51.22 -18.45 58.91
N ALA H 31 -50.49 -19.49 59.28
CA ALA H 31 -50.81 -20.84 58.87
C ALA H 31 -49.98 -21.92 59.59
N LYS H 32 -50.48 -23.14 59.51
CA LYS H 32 -49.83 -24.29 60.13
C LYS H 32 -48.96 -25.03 59.11
N ILE H 33 -47.69 -24.67 58.98
CA ILE H 33 -46.86 -25.37 58.03
C ILE H 33 -46.13 -26.53 58.70
N ASP H 34 -45.98 -27.62 57.96
CA ASP H 34 -45.32 -28.81 58.48
C ASP H 34 -44.46 -29.41 57.39
N ILE H 35 -43.20 -29.67 57.73
CA ILE H 35 -42.24 -30.25 56.79
C ILE H 35 -42.10 -31.75 57.06
N ILE H 36 -42.43 -32.56 56.08
CA ILE H 36 -42.32 -33.99 56.24
C ILE H 36 -41.08 -34.51 55.51
N GLU H 37 -40.13 -35.02 56.29
CA GLU H 37 -38.86 -35.54 55.77
C GLU H 37 -38.90 -37.03 55.64
N LEU H 38 -38.33 -37.55 54.57
CA LEU H 38 -38.32 -38.98 54.36
C LEU H 38 -36.88 -39.41 54.15
N PRO H 39 -36.57 -40.68 54.45
CA PRO H 39 -35.22 -41.21 54.30
C PRO H 39 -34.69 -41.09 52.87
N ASP H 40 -33.43 -40.70 52.73
CA ASP H 40 -32.79 -40.57 51.43
C ASP H 40 -31.59 -41.51 51.46
N GLU H 41 -31.06 -41.84 50.29
CA GLU H 41 -29.92 -42.76 50.21
C GLU H 41 -28.58 -42.07 49.97
N LYS H 42 -27.61 -42.39 50.83
CA LYS H 42 -26.27 -41.84 50.76
C LYS H 42 -25.67 -41.93 49.36
N GLN H 50 -32.33 -49.68 36.78
CA GLN H 50 -31.49 -50.85 37.07
C GLN H 50 -30.27 -50.42 37.86
N ASP H 51 -29.91 -49.15 37.76
CA ASP H 51 -28.77 -48.61 38.45
C ASP H 51 -29.19 -47.63 39.54
N LYS H 53 -32.65 -45.33 39.09
CA LYS H 53 -34.09 -45.24 38.97
C LYS H 53 -34.93 -46.44 39.38
N ILE H 54 -34.90 -46.73 40.67
CA ILE H 54 -35.66 -47.81 41.29
C ILE H 54 -35.81 -47.21 42.66
N ILE H 55 -34.78 -46.44 43.01
CA ILE H 55 -34.71 -45.73 44.28
C ILE H 55 -35.61 -44.53 44.07
N LYS H 56 -35.34 -43.78 43.00
CA LYS H 56 -36.13 -42.61 42.68
C LYS H 56 -37.61 -42.97 42.69
N ASP H 57 -37.93 -44.17 42.20
CA ASP H 57 -39.31 -44.61 42.15
C ASP H 57 -39.80 -45.04 43.52
N LYS H 58 -38.87 -45.46 44.38
CA LYS H 58 -39.26 -45.87 45.73
C LYS H 58 -39.54 -44.63 46.57
N GLU H 59 -38.73 -43.59 46.38
CA GLU H 59 -38.91 -42.34 47.12
C GLU H 59 -40.21 -41.69 46.67
N GLY H 60 -40.61 -41.99 45.44
CA GLY H 60 -41.84 -41.43 44.91
C GLY H 60 -43.04 -41.96 45.66
N ASP H 61 -43.15 -43.29 45.75
CA ASP H 61 -44.27 -43.91 46.46
C ASP H 61 -44.21 -43.52 47.92
N ARG H 62 -42.99 -43.27 48.38
CA ARG H 62 -42.76 -42.86 49.75
C ARG H 62 -43.48 -41.52 49.90
N ILE H 63 -43.20 -40.63 48.97
CA ILE H 63 -43.79 -39.30 48.96
C ILE H 63 -45.31 -39.35 48.89
N LEU H 64 -45.83 -40.12 47.94
CA LEU H 64 -47.28 -40.26 47.77
C LEU H 64 -48.02 -40.69 49.02
N SER H 65 -47.35 -41.48 49.87
CA SER H 65 -47.97 -41.98 51.10
C SER H 65 -48.22 -40.89 52.13
N LYS H 66 -47.64 -39.72 51.89
CA LYS H 66 -47.79 -38.61 52.83
C LYS H 66 -48.68 -37.54 52.19
N ILE H 67 -49.28 -37.88 51.07
CA ILE H 67 -50.12 -36.93 50.38
C ILE H 67 -51.58 -37.35 50.29
N SER H 68 -52.44 -36.57 50.96
CA SER H 68 -53.87 -36.80 50.97
C SER H 68 -54.45 -36.66 49.57
N PRO H 69 -55.43 -37.50 49.21
CA PRO H 69 -56.07 -37.46 47.89
C PRO H 69 -56.71 -36.11 47.58
N ASP H 70 -57.11 -35.38 48.62
CA ASP H 70 -57.75 -34.09 48.45
C ASP H 70 -56.88 -32.87 48.71
N ALA H 71 -55.57 -33.08 48.68
CA ALA H 71 -54.64 -31.97 48.91
C ALA H 71 -54.23 -31.39 47.58
N HIS H 72 -53.99 -30.09 47.54
CA HIS H 72 -53.55 -29.48 46.29
C HIS H 72 -52.03 -29.66 46.25
N VAL H 73 -51.57 -30.43 45.28
CA VAL H 73 -50.15 -30.73 45.16
C VAL H 73 -49.39 -29.87 44.19
N ILE H 74 -48.37 -29.18 44.71
CA ILE H 74 -47.51 -28.32 43.91
C ILE H 74 -46.11 -28.92 43.98
N ALA H 75 -45.67 -29.54 42.89
CA ALA H 75 -44.34 -30.13 42.85
C ALA H 75 -43.28 -29.17 42.32
N LEU H 76 -42.08 -29.24 42.89
CA LEU H 76 -40.97 -28.40 42.46
C LEU H 76 -40.19 -29.11 41.36
N ALA H 77 -40.03 -28.44 40.23
CA ALA H 77 -39.30 -28.96 39.07
C ALA H 77 -38.86 -27.77 38.24
N ILE H 78 -37.61 -27.73 37.82
CA ILE H 78 -37.13 -26.58 37.06
C ILE H 78 -37.84 -26.46 35.71
N GLU H 79 -38.48 -27.56 35.30
CA GLU H 79 -39.21 -27.59 34.03
C GLU H 79 -40.69 -27.31 34.29
N GLY H 80 -40.98 -26.63 35.39
CA GLY H 80 -42.34 -26.29 35.72
C GLY H 80 -42.59 -24.83 35.38
N LYS H 81 -43.72 -24.30 35.80
CA LYS H 81 -44.05 -22.91 35.52
C LYS H 81 -43.24 -21.97 36.39
N LYS H 83 -43.35 -18.73 38.19
CA LYS H 83 -44.14 -17.62 38.71
C LYS H 83 -43.22 -16.63 39.41
N THR H 84 -43.77 -15.46 39.72
CA THR H 84 -43.03 -14.43 40.43
C THR H 84 -43.61 -14.51 41.83
N SER H 85 -43.11 -13.72 42.76
CA SER H 85 -43.63 -13.75 44.12
C SER H 85 -45.10 -13.33 44.11
N GLU H 86 -45.44 -12.34 43.30
CA GLU H 86 -46.82 -11.86 43.23
C GLU H 86 -47.72 -12.94 42.66
N GLU H 87 -47.27 -13.63 41.62
CA GLU H 87 -48.08 -14.68 41.03
C GLU H 87 -48.27 -15.82 42.01
N LEU H 88 -47.28 -16.05 42.86
CA LEU H 88 -47.34 -17.11 43.87
C LEU H 88 -48.27 -16.62 44.98
N ALA H 89 -48.16 -15.34 45.32
CA ALA H 89 -49.01 -14.72 46.32
C ALA H 89 -50.32 -14.36 45.64
N ASP H 90 -50.82 -15.31 44.86
CA ASP H 90 -52.06 -15.14 44.12
C ASP H 90 -52.59 -16.56 44.04
N THR H 91 -51.67 -17.49 43.81
CA THR H 91 -52.00 -18.90 43.74
C THR H 91 -52.42 -19.34 45.15
N ILE H 92 -51.61 -18.99 46.13
CA ILE H 92 -51.88 -19.35 47.51
C ILE H 92 -53.16 -18.69 48.03
N ASP H 93 -53.50 -17.54 47.47
CA ASP H 93 -54.70 -16.82 47.88
C ASP H 93 -55.92 -17.51 47.29
N LYS H 94 -55.85 -17.91 46.03
CA LYS H 94 -56.95 -18.58 45.35
C LYS H 94 -57.28 -19.96 45.90
N LEU H 95 -56.27 -20.69 46.33
CA LEU H 95 -56.48 -22.03 46.88
C LEU H 95 -57.34 -21.85 48.13
N ALA H 96 -57.09 -20.77 48.85
CA ALA H 96 -57.85 -20.44 50.06
C ALA H 96 -59.33 -20.20 49.73
N THR H 97 -59.60 -19.37 48.73
CA THR H 97 -60.96 -19.07 48.35
C THR H 97 -61.66 -20.26 47.70
N TYR H 98 -60.89 -21.20 47.18
CA TYR H 98 -61.46 -22.39 46.55
C TYR H 98 -61.65 -23.50 47.58
N GLY H 99 -61.45 -23.15 48.85
CA GLY H 99 -61.61 -24.13 49.92
C GLY H 99 -60.55 -25.22 50.01
N LYS H 100 -59.43 -25.04 49.30
CA LYS H 100 -58.37 -26.03 49.36
C LYS H 100 -57.63 -25.87 50.68
N SER H 101 -58.04 -26.67 51.66
CA SER H 101 -57.48 -26.64 53.01
C SER H 101 -56.09 -27.29 53.11
N LYS H 102 -55.86 -28.34 52.32
CA LYS H 102 -54.58 -29.02 52.34
C LYS H 102 -53.69 -28.73 51.14
N VAL H 103 -52.62 -27.98 51.36
CA VAL H 103 -51.70 -27.71 50.27
C VAL H 103 -50.36 -28.38 50.58
N THR H 104 -49.89 -29.19 49.64
CA THR H 104 -48.61 -29.89 49.81
C THR H 104 -47.56 -29.43 48.81
N PHE H 105 -46.38 -29.08 49.31
CA PHE H 105 -45.29 -28.71 48.41
C PHE H 105 -44.39 -29.94 48.44
N VAL H 106 -43.91 -30.38 47.29
CA VAL H 106 -43.05 -31.55 47.30
C VAL H 106 -41.72 -31.31 46.63
N ILE H 107 -40.65 -31.49 47.40
CA ILE H 107 -39.31 -31.30 46.91
C ILE H 107 -38.63 -32.66 46.85
N GLY H 108 -38.16 -33.04 45.68
CA GLY H 108 -37.49 -34.32 45.54
C GLY H 108 -36.06 -34.24 46.03
N GLY H 109 -35.36 -35.37 45.99
CA GLY H 109 -33.97 -35.40 46.42
C GLY H 109 -33.06 -35.24 45.22
N SER H 110 -31.80 -35.64 45.37
CA SER H 110 -30.79 -35.53 44.31
C SER H 110 -31.24 -36.28 43.06
N LEU H 111 -31.88 -37.42 43.25
CA LEU H 111 -32.36 -38.19 42.11
C LEU H 111 -33.41 -37.37 41.37
N GLY H 112 -34.52 -37.08 42.04
CA GLY H 112 -35.58 -36.30 41.43
C GLY H 112 -36.94 -36.88 41.78
N LEU H 113 -37.96 -36.54 41.00
CA LEU H 113 -39.31 -37.04 41.25
C LEU H 113 -39.71 -38.01 40.14
N SER H 114 -40.24 -39.16 40.52
CA SER H 114 -40.66 -40.17 39.54
C SER H 114 -41.93 -39.72 38.82
N ASP H 115 -42.30 -40.44 37.77
CA ASP H 115 -43.49 -40.10 36.98
C ASP H 115 -44.76 -40.06 37.81
N THR H 116 -44.90 -41.02 38.71
CA THR H 116 -46.09 -41.12 39.55
C THR H 116 -46.35 -39.88 40.42
N VAL H 117 -45.29 -39.16 40.80
CA VAL H 117 -45.45 -37.97 41.61
C VAL H 117 -45.76 -36.74 40.78
N LYS H 119 -47.39 -36.83 37.91
CA LYS H 119 -48.75 -37.07 37.46
C LYS H 119 -49.72 -36.76 38.57
N ARG H 120 -49.27 -36.93 39.82
CA ARG H 120 -50.12 -36.63 40.96
C ARG H 120 -50.18 -35.11 41.15
N ALA H 121 -49.05 -34.45 40.91
CA ALA H 121 -48.93 -33.00 41.03
C ALA H 121 -50.03 -32.25 40.31
N ASP H 122 -50.76 -31.42 41.04
CA ASP H 122 -51.83 -30.64 40.45
C ASP H 122 -51.21 -29.42 39.80
N GLU H 123 -49.96 -29.16 40.13
CA GLU H 123 -49.25 -28.01 39.58
C GLU H 123 -47.74 -28.20 39.69
N LYS H 124 -47.00 -27.57 38.77
CA LYS H 124 -45.55 -27.66 38.78
C LYS H 124 -44.97 -26.27 38.96
N LEU H 125 -44.07 -26.13 39.93
CA LEU H 125 -43.45 -24.85 40.23
C LEU H 125 -41.95 -24.94 39.94
N SER H 126 -41.44 -23.92 39.27
CA SER H 126 -40.01 -23.82 38.96
C SER H 126 -39.54 -22.51 39.61
N PHE H 127 -38.38 -22.56 40.26
CA PHE H 127 -37.84 -21.38 40.92
C PHE H 127 -36.74 -20.71 40.11
N SER H 128 -36.19 -21.44 39.14
CA SER H 128 -35.12 -20.93 38.30
C SER H 128 -34.77 -21.92 37.20
N LYS H 129 -34.06 -21.45 36.19
CA LYS H 129 -33.63 -22.31 35.10
C LYS H 129 -32.40 -23.07 35.63
N THR H 131 -30.01 -25.07 38.68
CA THR H 131 -30.22 -26.14 39.64
C THR H 131 -29.78 -25.71 41.05
N PHE H 132 -30.64 -25.99 42.02
CA PHE H 132 -30.35 -25.65 43.40
C PHE H 132 -30.32 -26.97 44.18
N PRO H 133 -29.45 -27.08 45.19
CA PRO H 133 -29.44 -28.35 45.94
C PRO H 133 -30.81 -28.45 46.61
N HIS H 134 -31.33 -29.66 46.78
CA HIS H 134 -32.64 -29.80 47.39
C HIS H 134 -32.79 -29.26 48.80
N GLN H 135 -31.79 -29.39 49.65
CA GLN H 135 -31.90 -28.89 51.01
C GLN H 135 -31.98 -27.38 51.01
N LEU H 136 -31.19 -26.74 50.15
CA LEU H 136 -31.20 -25.29 50.03
C LEU H 136 -32.56 -24.84 49.49
N ARG H 138 -35.36 -26.10 50.09
CA ARG H 138 -36.31 -26.11 51.19
C ARG H 138 -36.36 -24.72 51.82
N LEU H 139 -35.20 -24.12 52.04
CA LEU H 139 -35.15 -22.79 52.63
C LEU H 139 -35.71 -21.73 51.67
N ILE H 140 -35.47 -21.90 50.38
CA ILE H 140 -35.98 -20.91 49.45
C ILE H 140 -37.50 -20.97 49.42
N LEU H 141 -38.07 -22.18 49.44
CA LEU H 141 -39.51 -22.35 49.42
C LEU H 141 -40.19 -21.66 50.60
N VAL H 142 -39.71 -21.99 51.80
CA VAL H 142 -40.25 -21.43 53.03
C VAL H 142 -40.19 -19.91 53.01
N GLU H 143 -39.02 -19.36 52.70
CA GLU H 143 -38.88 -17.90 52.64
C GLU H 143 -39.93 -17.34 51.68
N GLN H 144 -40.05 -17.94 50.52
CA GLN H 144 -41.02 -17.52 49.50
C GLN H 144 -42.47 -17.64 50.00
N ILE H 145 -42.79 -18.74 50.68
CA ILE H 145 -44.15 -18.94 51.20
C ILE H 145 -44.48 -17.82 52.18
N TYR H 146 -43.44 -17.35 52.87
CA TYR H 146 -43.64 -16.27 53.82
C TYR H 146 -43.84 -14.99 53.00
N ARG H 147 -42.99 -14.80 52.00
CA ARG H 147 -43.09 -13.63 51.14
C ARG H 147 -44.49 -13.53 50.51
N ALA H 148 -45.11 -14.66 50.25
CA ALA H 148 -46.42 -14.69 49.63
C ALA H 148 -47.52 -14.27 50.61
N PHE H 149 -47.46 -14.78 51.84
CA PHE H 149 -48.47 -14.42 52.83
C PHE H 149 -48.39 -12.94 53.18
N ARG H 150 -47.19 -12.37 53.05
CA ARG H 150 -46.98 -10.96 53.33
C ARG H 150 -47.66 -10.11 52.26
N ILE H 151 -47.44 -10.47 51.00
CA ILE H 151 -48.05 -9.76 49.90
C ILE H 151 -49.57 -9.90 49.94
N ASN H 152 -50.05 -11.10 50.27
CA ASN H 152 -51.48 -11.32 50.33
C ASN H 152 -52.15 -10.44 51.36
N ARG H 153 -51.46 -10.20 52.47
CA ARG H 153 -51.99 -9.34 53.50
C ARG H 153 -51.53 -7.91 53.18
N GLY H 154 -51.59 -7.02 54.16
CA GLY H 154 -51.16 -5.65 53.89
C GLY H 154 -49.79 -5.36 54.48
N GLU H 155 -49.21 -6.36 55.13
CA GLU H 155 -47.91 -6.23 55.77
C GLU H 155 -46.79 -6.01 54.77
N PRO H 156 -45.99 -4.96 54.99
CA PRO H 156 -44.88 -4.62 54.10
C PRO H 156 -43.70 -5.59 54.29
N TYR H 157 -43.01 -5.87 53.19
CA TYR H 157 -41.86 -6.77 53.22
C TYR H 157 -41.27 -6.77 51.82
#